data_6NY5
#
_entry.id   6NY5
#
_cell.length_a   159.677
_cell.length_b   159.677
_cell.length_c   215.530
_cell.angle_alpha   90.000
_cell.angle_beta   90.000
_cell.angle_gamma   90.000
#
_symmetry.space_group_name_H-M   'I 41 2 2'
#
loop_
_entity.id
_entity.type
_entity.pdbx_description
1 polymer 'Pumilio domain-containing protein C56F2.08c'
2 polymer "RNA (5'-R(P*UP*UP*AP*AP*UP*AP*AP*CP*UP*UP*AP*AP*U)-3')"
3 non-polymer 'SULFATE ION'
4 non-polymer 'MAGNESIUM ION'
5 water water
#
loop_
_entity_poly.entity_id
_entity_poly.type
_entity_poly.pdbx_seq_one_letter_code
_entity_poly.pdbx_strand_id
1 'polypeptide(L)'
;SEFELRRQACGRSQLLKSRVDILEVARQFEMRINLDIVDSMIASAIENNKVATEILPPVETLRSRQFEASKLREIRKNID
SGFYTQEEIEVIARSMLDDVAELSSDYLGNTVVQKFFEYCSDPIKEAMLERIAPYLAAIGIHKNGTWAAQKIIDVASTEK
QMDLIVKHLRPYTALLYFDQFGNYVAQCCLRFKYPKNTFLFEVMARHCCEIGQSRFGARAIRACLENENATFEQQALVVA
SIIINSHLLATNSNGMLLLTWLLDNSFFRNRHRLLAIHLATHLHTTCTHKLASTLIFKLINNKQEPESRNLLLKNLFFSE
KDNVLTYILQDQAVGPSFIHKVITYPSIGREFLAQFHLVIKRVLINIHAQPNAVYCRLMEEVGMTSKSI
;
A,B
2 'polyribonucleotide' UUAAUAACUUAAU C
#
# COMPACT_ATOMS: atom_id res chain seq x y z
N SER A 1 20.05 10.83 -8.41
CA SER A 1 19.07 10.84 -7.33
C SER A 1 18.30 12.16 -7.28
N GLU A 2 17.24 12.20 -6.48
CA GLU A 2 16.50 13.44 -6.29
C GLU A 2 17.34 14.49 -5.56
N PHE A 3 18.30 14.04 -4.75
CA PHE A 3 19.23 14.97 -4.11
C PHE A 3 20.09 15.68 -5.14
N GLU A 4 20.54 14.96 -6.17
CA GLU A 4 21.39 15.56 -7.20
C GLU A 4 20.70 16.74 -7.88
N LEU A 5 19.38 16.66 -8.04
CA LEU A 5 18.65 17.74 -8.73
C LEU A 5 18.55 19.00 -7.87
N ARG A 6 18.45 18.84 -6.55
CA ARG A 6 18.35 20.01 -5.68
C ARG A 6 19.67 20.78 -5.63
N ARG A 7 20.79 20.06 -5.62
CA ARG A 7 22.09 20.74 -5.61
C ARG A 7 22.41 21.35 -6.96
N GLN A 8 21.96 20.73 -8.04
CA GLN A 8 22.20 21.30 -9.37
C GLN A 8 21.42 22.59 -9.57
N ALA A 9 20.23 22.68 -9.00
CA ALA A 9 19.44 23.90 -8.99
C ALA A 9 19.82 24.86 -7.87
N CYS A 10 20.82 24.51 -7.06
CA CYS A 10 21.31 25.36 -6.00
C CYS A 10 22.75 25.81 -6.20
N GLY A 11 23.53 25.08 -6.98
CA GLY A 11 24.94 25.33 -7.06
C GLY A 11 25.63 24.87 -5.79
N ARG A 12 26.92 25.16 -5.71
CA ARG A 12 27.68 24.79 -4.54
C ARG A 12 27.33 25.69 -3.37
N SER A 13 27.55 25.19 -2.16
CA SER A 13 27.00 25.79 -0.97
C SER A 13 27.52 27.21 -0.77
N GLN A 14 26.60 28.12 -0.40
CA GLN A 14 26.99 29.46 -0.04
C GLN A 14 27.75 29.51 1.29
N LEU A 15 27.69 28.43 2.07
CA LEU A 15 28.45 28.38 3.32
C LEU A 15 29.95 28.25 3.06
N LEU A 16 30.33 27.53 2.01
CA LEU A 16 31.75 27.35 1.70
C LEU A 16 32.39 28.66 1.24
N LYS A 17 31.76 29.33 0.29
CA LYS A 17 32.31 30.59 -0.22
C LYS A 17 32.36 31.65 0.88
N SER A 18 31.22 31.93 1.48
CA SER A 18 31.09 33.06 2.41
C SER A 18 31.13 32.59 3.86
N ARG A 19 32.22 31.91 4.23
CA ARG A 19 32.43 31.55 5.63
C ARG A 19 32.64 32.80 6.49
N VAL A 20 33.27 33.83 5.93
CA VAL A 20 33.48 35.06 6.69
C VAL A 20 32.25 35.95 6.65
N ASP A 21 31.47 35.90 5.56
CA ASP A 21 30.25 36.72 5.49
C ASP A 21 29.20 36.22 6.48
N ILE A 22 29.13 34.90 6.70
CA ILE A 22 28.22 34.37 7.72
C ILE A 22 28.64 34.85 9.10
N LEU A 23 29.95 34.83 9.37
CA LEU A 23 30.45 35.39 10.62
C LEU A 23 30.09 36.86 10.74
N GLU A 24 30.04 37.59 9.62
CA GLU A 24 29.62 38.99 9.65
C GLU A 24 28.16 39.12 10.05
N VAL A 25 27.29 38.33 9.41
CA VAL A 25 25.86 38.42 9.71
C VAL A 25 25.60 38.02 11.15
N ALA A 26 26.38 37.08 11.68
CA ALA A 26 26.15 36.62 13.04
C ALA A 26 26.38 37.75 14.05
N ARG A 27 27.37 38.60 13.80
CA ARG A 27 27.66 39.69 14.73
C ARG A 27 26.47 40.65 14.81
N GLN A 28 26.04 41.16 13.67
CA GLN A 28 24.97 42.16 13.60
C GLN A 28 23.59 41.62 14.00
N PHE A 29 23.53 40.42 14.57
CA PHE A 29 22.30 39.87 15.12
C PHE A 29 22.06 40.32 16.55
N GLU A 30 23.00 41.02 17.17
CA GLU A 30 22.98 41.34 18.60
C GLU A 30 23.00 40.02 19.35
N MET A 31 22.06 39.76 20.27
CA MET A 31 21.97 38.52 21.03
C MET A 31 23.22 38.30 21.88
N ARG A 32 23.25 37.18 22.61
CA ARG A 32 24.39 36.85 23.46
C ARG A 32 25.37 35.92 22.78
N ILE A 33 25.38 35.92 21.44
CA ILE A 33 26.08 34.91 20.66
C ILE A 33 27.56 34.89 21.01
N ASN A 34 28.06 33.71 21.37
CA ASN A 34 29.50 33.47 21.40
C ASN A 34 29.98 33.29 19.95
N LEU A 35 30.67 34.30 19.42
CA LEU A 35 31.02 34.30 18.01
C LEU A 35 32.00 33.18 17.67
N ASP A 36 32.83 32.76 18.64
CA ASP A 36 33.80 31.72 18.35
C ASP A 36 33.15 30.36 18.22
N ILE A 37 32.02 30.15 18.90
CA ILE A 37 31.31 28.88 18.79
C ILE A 37 30.73 28.71 17.38
N VAL A 38 30.19 29.81 16.82
CA VAL A 38 29.61 29.74 15.48
C VAL A 38 30.65 29.29 14.47
N ASP A 39 31.86 29.86 14.53
CA ASP A 39 32.88 29.50 13.54
C ASP A 39 33.31 28.05 13.68
N SER A 40 33.37 27.54 14.92
CA SER A 40 33.72 26.14 15.13
C SER A 40 32.61 25.21 14.63
N MET A 41 31.37 25.69 14.56
CA MET A 41 30.30 24.92 13.94
C MET A 41 30.46 24.90 12.42
N ILE A 42 30.78 26.04 11.83
CA ILE A 42 31.09 26.08 10.39
C ILE A 42 32.30 25.22 10.08
N ALA A 43 33.24 25.12 11.02
CA ALA A 43 34.37 24.23 10.85
C ALA A 43 33.93 22.77 10.84
N SER A 44 33.18 22.36 11.87
CA SER A 44 32.68 20.98 11.90
C SER A 44 31.73 20.72 10.74
N ALA A 45 31.03 21.75 10.26
CA ALA A 45 30.13 21.58 9.12
C ALA A 45 30.91 21.24 7.85
N ILE A 46 32.11 21.81 7.71
CA ILE A 46 32.88 21.60 6.50
C ILE A 46 33.79 20.37 6.61
N GLU A 47 34.29 20.06 7.81
CA GLU A 47 35.12 18.87 7.97
C GLU A 47 34.34 17.61 7.65
N ASN A 48 33.24 17.38 8.38
CA ASN A 48 32.40 16.22 8.14
C ASN A 48 31.81 16.27 6.74
N ASN A 49 32.48 15.60 5.78
CA ASN A 49 32.06 15.64 4.40
C ASN A 49 31.41 14.34 3.93
N LYS A 50 31.37 13.31 4.78
CA LYS A 50 30.72 12.05 4.43
C LYS A 50 29.21 12.28 4.33
N VAL A 51 28.73 12.55 3.12
CA VAL A 51 27.31 12.78 2.87
C VAL A 51 26.81 11.70 1.93
N ALA A 52 25.68 11.11 2.28
CA ALA A 52 25.13 10.01 1.48
C ALA A 52 24.26 10.57 0.34
N THR A 53 24.36 9.91 -0.81
CA THR A 53 23.56 10.28 -1.97
C THR A 53 22.14 9.72 -1.87
N GLU A 54 22.01 8.50 -1.36
CA GLU A 54 20.74 7.78 -1.32
C GLU A 54 20.52 7.20 0.06
N ILE A 55 19.36 6.59 0.26
CA ILE A 55 19.03 5.88 1.49
C ILE A 55 18.66 4.46 1.12
N LEU A 56 19.37 3.48 1.68
CA LEU A 56 19.18 2.08 1.30
C LEU A 56 18.56 1.29 2.44
N PRO A 57 17.46 0.59 2.18
CA PRO A 57 16.79 -0.19 3.23
C PRO A 57 17.61 -1.41 3.62
N PRO A 58 17.31 -2.02 4.77
CA PRO A 58 17.94 -3.30 5.09
C PRO A 58 17.51 -4.37 4.10
N VAL A 59 18.46 -5.22 3.71
CA VAL A 59 18.18 -6.25 2.72
C VAL A 59 17.09 -7.17 3.24
N GLU A 60 16.08 -7.42 2.42
CA GLU A 60 14.97 -8.26 2.84
C GLU A 60 15.32 -9.72 2.62
N THR A 61 14.96 -10.56 3.59
CA THR A 61 15.18 -11.98 3.54
C THR A 61 13.86 -12.69 3.27
N LEU A 62 13.91 -14.02 3.20
CA LEU A 62 12.72 -14.82 2.96
C LEU A 62 12.16 -15.32 4.29
N ARG A 63 10.86 -15.13 4.48
CA ARG A 63 10.18 -15.48 5.72
C ARG A 63 8.86 -16.18 5.38
N SER A 64 8.50 -17.17 6.21
CA SER A 64 7.13 -17.66 6.23
C SER A 64 6.31 -16.62 6.98
N ARG A 65 5.80 -15.65 6.22
CA ARG A 65 5.29 -14.41 6.81
C ARG A 65 4.11 -14.65 7.75
N GLN A 66 3.33 -15.70 7.51
CA GLN A 66 2.14 -15.92 8.33
C GLN A 66 2.47 -16.62 9.66
N PHE A 67 3.48 -17.50 9.68
CA PHE A 67 3.99 -17.99 10.95
C PHE A 67 4.69 -16.87 11.71
N GLU A 68 5.33 -15.94 10.98
CA GLU A 68 5.96 -14.80 11.62
C GLU A 68 4.92 -13.82 12.15
N ALA A 69 3.83 -13.62 11.40
CA ALA A 69 2.79 -12.70 11.82
C ALA A 69 2.14 -13.16 13.11
N SER A 70 1.76 -14.45 13.19
CA SER A 70 1.17 -14.98 14.41
C SER A 70 2.11 -14.78 15.60
N LYS A 71 3.41 -15.00 15.39
CA LYS A 71 4.36 -14.86 16.48
C LYS A 71 4.38 -13.44 17.01
N LEU A 72 4.43 -12.45 16.10
CA LEU A 72 4.50 -11.05 16.49
C LEU A 72 3.20 -10.60 17.14
N ARG A 73 2.05 -11.04 16.62
CA ARG A 73 0.76 -10.69 17.23
C ARG A 73 0.70 -11.13 18.67
N GLU A 74 1.18 -12.34 18.96
CA GLU A 74 1.12 -12.84 20.33
C GLU A 74 2.10 -12.10 21.24
N ILE A 75 3.28 -11.75 20.70
CA ILE A 75 4.26 -10.99 21.49
C ILE A 75 3.67 -9.64 21.89
N ARG A 76 3.08 -8.93 20.94
CA ARG A 76 2.48 -7.65 21.27
C ARG A 76 1.27 -7.85 22.19
N LYS A 77 0.50 -8.91 21.95
CA LYS A 77 -0.68 -9.16 22.78
C LYS A 77 -0.28 -9.43 24.23
N ASN A 78 0.79 -10.20 24.44
CA ASN A 78 1.20 -10.54 25.80
C ASN A 78 1.88 -9.37 26.51
N ILE A 79 2.54 -8.48 25.76
CA ILE A 79 3.13 -7.29 26.38
C ILE A 79 2.04 -6.34 26.84
N ASP A 80 1.03 -6.13 25.99
CA ASP A 80 -0.07 -5.24 26.34
C ASP A 80 -0.86 -5.79 27.52
N SER A 81 -0.90 -7.11 27.68
CA SER A 81 -1.62 -7.73 28.77
C SER A 81 -0.81 -7.82 30.06
N GLY A 82 0.44 -7.36 30.04
CA GLY A 82 1.28 -7.47 31.23
C GLY A 82 1.65 -8.89 31.61
N PHE A 83 1.34 -9.87 30.77
CA PHE A 83 1.69 -11.26 31.02
C PHE A 83 3.19 -11.52 30.92
N TYR A 84 3.99 -10.53 30.55
CA TYR A 84 5.42 -10.70 30.37
C TYR A 84 6.19 -10.00 31.48
N THR A 85 7.23 -10.65 31.97
CA THR A 85 8.26 -10.01 32.78
C THR A 85 9.15 -9.17 31.88
N GLN A 86 9.76 -8.12 32.45
CA GLN A 86 10.78 -7.39 31.72
C GLN A 86 11.91 -8.32 31.28
N GLU A 87 12.20 -9.35 32.08
CA GLU A 87 13.22 -10.30 31.68
C GLU A 87 12.72 -11.18 30.53
N GLU A 88 11.44 -11.59 30.59
CA GLU A 88 10.89 -12.40 29.52
C GLU A 88 10.88 -11.65 28.19
N ILE A 89 10.62 -10.33 28.24
CA ILE A 89 10.67 -9.51 27.02
C ILE A 89 12.09 -9.47 26.47
N GLU A 90 13.08 -9.23 27.34
CA GLU A 90 14.46 -9.14 26.90
C GLU A 90 14.97 -10.46 26.34
N VAL A 91 14.46 -11.59 26.83
CA VAL A 91 14.86 -12.87 26.27
C VAL A 91 14.35 -12.98 24.83
N ILE A 92 13.10 -12.57 24.60
CA ILE A 92 12.54 -12.60 23.25
C ILE A 92 13.28 -11.63 22.34
N ALA A 93 13.56 -10.42 22.83
CA ALA A 93 14.28 -9.44 22.03
C ALA A 93 15.68 -9.93 21.67
N ARG A 94 16.39 -10.54 22.64
CA ARG A 94 17.74 -11.01 22.35
C ARG A 94 17.73 -12.11 21.30
N SER A 95 16.65 -12.89 21.23
CA SER A 95 16.51 -13.95 20.24
C SER A 95 16.21 -13.43 18.85
N MET A 96 15.85 -12.16 18.72
CA MET A 96 15.46 -11.57 17.46
C MET A 96 16.45 -10.51 16.98
N LEU A 97 17.66 -10.51 17.52
CA LEU A 97 18.63 -9.48 17.13
C LEU A 97 19.00 -9.58 15.66
N ASP A 98 19.00 -10.79 15.11
CA ASP A 98 19.24 -10.97 13.68
C ASP A 98 18.11 -10.42 12.83
N ASP A 99 16.98 -10.05 13.45
CA ASP A 99 15.77 -9.73 12.72
C ASP A 99 15.20 -8.35 13.01
N VAL A 100 15.69 -7.63 14.03
CA VAL A 100 15.02 -6.40 14.45
C VAL A 100 15.16 -5.31 13.38
N ALA A 101 16.26 -5.31 12.63
CA ALA A 101 16.44 -4.29 11.62
C ALA A 101 15.40 -4.41 10.51
N GLU A 102 15.17 -5.64 10.02
CA GLU A 102 14.19 -5.85 8.97
C GLU A 102 12.76 -5.73 9.49
N LEU A 103 12.54 -6.11 10.75
CA LEU A 103 11.21 -6.03 11.34
C LEU A 103 10.81 -4.60 11.66
N SER A 104 11.78 -3.69 11.76
CA SER A 104 11.44 -2.32 12.13
C SER A 104 10.53 -1.66 11.12
N SER A 105 10.58 -2.08 9.86
CA SER A 105 9.73 -1.51 8.82
C SER A 105 8.51 -2.36 8.51
N ASP A 106 8.28 -3.43 9.27
CA ASP A 106 7.13 -4.30 9.03
C ASP A 106 5.88 -3.68 9.63
N TYR A 107 4.73 -4.01 9.03
CA TYR A 107 3.46 -3.48 9.53
C TYR A 107 3.22 -3.90 10.97
N LEU A 108 3.58 -5.14 11.30
CA LEU A 108 3.50 -5.63 12.66
C LEU A 108 4.80 -5.46 13.42
N GLY A 109 5.94 -5.71 12.76
CA GLY A 109 7.22 -5.68 13.45
C GLY A 109 7.52 -4.32 14.05
N ASN A 110 7.13 -3.24 13.34
CA ASN A 110 7.43 -1.90 13.82
C ASN A 110 6.77 -1.65 15.17
N THR A 111 5.56 -2.19 15.39
CA THR A 111 4.92 -2.06 16.68
C THR A 111 5.63 -2.86 17.76
N VAL A 112 6.22 -4.00 17.41
CA VAL A 112 6.90 -4.84 18.39
C VAL A 112 8.28 -4.26 18.72
N VAL A 113 9.02 -3.83 17.70
CA VAL A 113 10.30 -3.17 17.92
C VAL A 113 10.12 -1.92 18.77
N GLN A 114 9.02 -1.20 18.60
CA GLN A 114 8.74 -0.05 19.47
C GLN A 114 8.68 -0.50 20.92
N LYS A 115 7.79 -1.45 21.22
CA LYS A 115 7.65 -1.96 22.58
C LYS A 115 8.99 -2.41 23.14
N PHE A 116 9.84 -3.02 22.31
CA PHE A 116 11.13 -3.53 22.79
C PHE A 116 11.98 -2.39 23.35
N PHE A 117 12.01 -1.25 22.66
CA PHE A 117 12.74 -0.11 23.17
C PHE A 117 12.02 0.59 24.32
N GLU A 118 10.71 0.36 24.47
CA GLU A 118 10.01 0.96 25.60
C GLU A 118 10.23 0.18 26.89
N TYR A 119 10.45 -1.13 26.79
CA TYR A 119 10.43 -1.98 27.96
C TYR A 119 11.76 -2.64 28.29
N CYS A 120 12.62 -2.92 27.30
CA CYS A 120 13.91 -3.51 27.61
C CYS A 120 14.83 -2.49 28.29
N SER A 121 15.72 -3.01 29.14
CA SER A 121 16.68 -2.16 29.81
C SER A 121 17.73 -1.66 28.82
N ASP A 122 18.55 -0.72 29.28
CA ASP A 122 19.47 -0.03 28.38
C ASP A 122 20.47 -0.94 27.67
N PRO A 123 21.01 -2.00 28.28
CA PRO A 123 21.96 -2.83 27.52
C PRO A 123 21.32 -3.53 26.34
N ILE A 124 20.05 -3.95 26.48
CA ILE A 124 19.40 -4.65 25.38
C ILE A 124 18.97 -3.65 24.31
N LYS A 125 18.54 -2.45 24.72
CA LYS A 125 18.30 -1.41 23.73
C LYS A 125 19.56 -1.14 22.91
N GLU A 126 20.69 -0.96 23.60
CA GLU A 126 21.95 -0.75 22.88
C GLU A 126 22.31 -1.94 22.01
N ALA A 127 21.89 -3.15 22.40
CA ALA A 127 22.17 -4.32 21.57
C ALA A 127 21.29 -4.33 20.32
N MET A 128 20.02 -3.97 20.47
CA MET A 128 19.15 -3.82 19.31
C MET A 128 19.60 -2.66 18.44
N LEU A 129 19.96 -1.54 19.06
CA LEU A 129 20.32 -0.35 18.29
C LEU A 129 21.57 -0.60 17.45
N GLU A 130 22.49 -1.43 17.95
CA GLU A 130 23.71 -1.74 17.18
C GLU A 130 23.37 -2.46 15.88
N ARG A 131 22.25 -3.16 15.83
CA ARG A 131 21.81 -3.81 14.61
C ARG A 131 20.95 -2.91 13.73
N ILE A 132 20.34 -1.87 14.29
CA ILE A 132 19.36 -1.06 13.59
C ILE A 132 19.97 0.24 13.08
N ALA A 133 20.93 0.79 13.83
CA ALA A 133 21.48 2.11 13.52
C ALA A 133 21.90 2.29 12.07
N PRO A 134 22.62 1.37 11.43
CA PRO A 134 22.98 1.58 10.02
C PRO A 134 21.78 1.67 9.08
N TYR A 135 20.59 1.30 9.53
CA TYR A 135 19.38 1.42 8.71
C TYR A 135 18.36 2.37 9.28
N LEU A 136 18.67 3.04 10.40
CA LEU A 136 17.70 3.92 11.05
C LEU A 136 17.14 4.95 10.07
N ALA A 137 18.02 5.55 9.25
CA ALA A 137 17.56 6.51 8.26
C ALA A 137 16.59 5.85 7.27
N ALA A 138 16.93 4.66 6.78
CA ALA A 138 16.02 3.92 5.91
C ALA A 138 14.69 3.67 6.59
N ILE A 139 14.74 3.09 7.79
CA ILE A 139 13.53 2.91 8.60
C ILE A 139 12.83 4.24 8.81
N GLY A 140 13.60 5.31 9.00
CA GLY A 140 13.03 6.61 9.32
C GLY A 140 12.11 7.15 8.24
N ILE A 141 12.40 6.88 6.97
CA ILE A 141 11.58 7.39 5.87
C ILE A 141 10.53 6.39 5.41
N HIS A 142 10.43 5.23 6.05
CA HIS A 142 9.37 4.28 5.75
C HIS A 142 8.09 4.68 6.50
N LYS A 143 6.95 4.55 5.81
CA LYS A 143 5.68 4.99 6.39
C LYS A 143 5.36 4.23 7.67
N ASN A 144 5.74 2.95 7.73
CA ASN A 144 5.62 2.15 8.94
C ASN A 144 6.82 2.34 9.85
N GLY A 145 8.02 2.20 9.29
CA GLY A 145 9.23 2.19 10.09
C GLY A 145 9.48 3.50 10.80
N THR A 146 8.93 4.61 10.30
CA THR A 146 9.19 5.89 10.93
C THR A 146 8.68 5.89 12.36
N TRP A 147 7.61 5.15 12.64
CA TRP A 147 7.11 5.04 14.01
C TRP A 147 8.14 4.38 14.92
N ALA A 148 8.86 3.39 14.39
CA ALA A 148 9.90 2.73 15.17
C ALA A 148 11.15 3.60 15.28
N ALA A 149 11.51 4.30 14.21
CA ALA A 149 12.71 5.13 14.25
C ALA A 149 12.53 6.30 15.21
N GLN A 150 11.37 6.94 15.19
CA GLN A 150 11.14 8.06 16.10
C GLN A 150 11.04 7.59 17.55
N LYS A 151 10.47 6.41 17.78
CA LYS A 151 10.44 5.86 19.12
C LYS A 151 11.85 5.63 19.64
N ILE A 152 12.67 4.92 18.85
CA ILE A 152 14.06 4.64 19.24
C ILE A 152 14.78 5.92 19.63
N ILE A 153 14.58 7.00 18.87
CA ILE A 153 15.26 8.26 19.17
C ILE A 153 14.64 8.93 20.39
N ASP A 154 13.30 8.90 20.49
CA ASP A 154 12.62 9.55 21.61
C ASP A 154 12.88 8.89 22.95
N VAL A 155 13.24 7.60 22.95
CA VAL A 155 13.55 6.87 24.16
C VAL A 155 15.06 6.66 24.33
N ALA A 156 15.87 7.33 23.51
CA ALA A 156 17.32 7.27 23.68
C ALA A 156 17.71 7.85 25.03
N SER A 157 18.10 7.00 25.97
CA SER A 157 18.36 7.41 27.34
C SER A 157 19.85 7.52 27.68
N THR A 158 20.69 6.69 27.09
CA THR A 158 22.11 6.69 27.41
C THR A 158 22.90 7.50 26.38
N GLU A 159 24.15 7.81 26.74
CA GLU A 159 25.03 8.51 25.81
C GLU A 159 25.48 7.57 24.69
N LYS A 160 25.54 6.27 24.96
CA LYS A 160 25.92 5.32 23.93
C LYS A 160 24.86 5.23 22.85
N GLN A 161 23.59 5.42 23.21
CA GLN A 161 22.49 5.37 22.25
C GLN A 161 22.44 6.63 21.39
N MET A 162 22.60 7.80 21.99
CA MET A 162 22.57 9.03 21.20
C MET A 162 23.73 9.09 20.23
N ASP A 163 24.92 8.67 20.67
CA ASP A 163 26.08 8.73 19.79
C ASP A 163 25.93 7.78 18.62
N LEU A 164 25.35 6.61 18.84
CA LEU A 164 25.07 5.69 17.74
C LEU A 164 24.10 6.29 16.74
N ILE A 165 23.02 6.91 17.24
CA ILE A 165 22.04 7.52 16.35
C ILE A 165 22.67 8.66 15.56
N VAL A 166 23.36 9.57 16.24
CA VAL A 166 24.02 10.68 15.54
C VAL A 166 25.03 10.15 14.54
N LYS A 167 25.77 9.09 14.91
CA LYS A 167 26.79 8.57 14.02
C LYS A 167 26.17 8.04 12.73
N HIS A 168 25.12 7.22 12.84
CA HIS A 168 24.56 6.53 11.70
C HIS A 168 23.43 7.30 11.02
N LEU A 169 23.11 8.50 11.51
CA LEU A 169 22.15 9.35 10.81
C LEU A 169 22.81 10.48 10.05
N ARG A 170 23.97 10.95 10.51
CA ARG A 170 24.60 12.14 9.95
C ARG A 170 24.79 12.07 8.43
N PRO A 171 25.25 10.97 7.83
CA PRO A 171 25.37 10.95 6.36
C PRO A 171 24.05 11.12 5.63
N TYR A 172 22.92 10.80 6.27
CA TYR A 172 21.62 10.87 5.61
C TYR A 172 20.79 12.05 6.10
N THR A 173 21.37 12.93 6.92
CA THR A 173 20.60 14.00 7.54
C THR A 173 19.91 14.86 6.49
N ALA A 174 20.66 15.30 5.47
CA ALA A 174 20.04 16.10 4.40
C ALA A 174 18.89 15.34 3.75
N LEU A 175 19.08 14.06 3.47
CA LEU A 175 18.02 13.26 2.87
C LEU A 175 16.80 13.18 3.78
N LEU A 176 17.00 13.13 5.09
CA LEU A 176 15.87 13.04 6.00
C LEU A 176 15.01 14.31 5.94
N TYR A 177 15.66 15.48 5.90
CA TYR A 177 14.90 16.73 5.83
C TYR A 177 14.04 16.79 4.58
N PHE A 178 14.45 16.14 3.49
CA PHE A 178 13.65 16.16 2.27
C PHE A 178 12.41 15.30 2.39
N ASP A 179 12.36 14.39 3.35
CA ASP A 179 11.34 13.35 3.37
C ASP A 179 10.16 13.75 4.25
N GLN A 180 8.96 13.32 3.83
CA GLN A 180 7.75 13.66 4.56
C GLN A 180 7.74 13.07 5.95
N PHE A 181 8.40 11.94 6.16
CA PHE A 181 8.54 11.36 7.49
C PHE A 181 9.92 11.57 8.09
N GLY A 182 10.97 11.44 7.28
CA GLY A 182 12.32 11.58 7.80
C GLY A 182 12.58 12.92 8.46
N ASN A 183 11.90 13.98 8.02
CA ASN A 183 12.15 15.28 8.62
C ASN A 183 11.68 15.32 10.07
N TYR A 184 10.69 14.50 10.42
CA TYR A 184 10.31 14.36 11.83
C TYR A 184 11.31 13.48 12.58
N VAL A 185 11.91 12.50 11.88
CA VAL A 185 12.97 11.70 12.48
C VAL A 185 14.16 12.58 12.84
N ALA A 186 14.54 13.49 11.95
CA ALA A 186 15.66 14.39 12.26
C ALA A 186 15.32 15.30 13.42
N GLN A 187 14.08 15.80 13.48
CA GLN A 187 13.69 16.68 14.58
C GLN A 187 13.73 15.95 15.92
N CYS A 188 13.48 14.64 15.92
CA CYS A 188 13.51 13.87 17.16
C CYS A 188 14.88 13.96 17.83
N CYS A 189 15.93 14.19 17.04
CA CYS A 189 17.27 14.31 17.59
C CYS A 189 17.52 15.64 18.26
N LEU A 190 16.61 16.61 18.13
CA LEU A 190 16.77 17.86 18.86
C LEU A 190 16.76 17.62 20.37
N ARG A 191 16.07 16.57 20.83
CA ARG A 191 16.08 16.19 22.23
C ARG A 191 17.49 16.02 22.79
N PHE A 192 18.45 15.61 21.95
CA PHE A 192 19.78 15.28 22.45
C PHE A 192 20.49 16.49 23.06
N LYS A 193 20.05 17.70 22.75
CA LYS A 193 20.59 18.94 23.31
C LYS A 193 22.02 19.22 22.87
N TYR A 194 22.46 20.45 23.09
CA TYR A 194 23.83 20.81 22.78
C TYR A 194 24.78 19.97 23.65
N PRO A 195 25.89 19.49 23.08
CA PRO A 195 26.34 19.70 21.71
C PRO A 195 26.02 18.55 20.76
N LYS A 196 25.21 17.58 21.21
CA LYS A 196 24.99 16.40 20.40
C LYS A 196 24.07 16.67 19.22
N ASN A 197 23.11 17.57 19.36
CA ASN A 197 22.18 17.89 18.29
C ASN A 197 22.77 18.84 17.27
N THR A 198 24.05 19.20 17.40
CA THR A 198 24.65 20.19 16.52
C THR A 198 24.72 19.71 15.07
N PHE A 199 24.80 18.38 14.87
CA PHE A 199 24.86 17.86 13.51
C PHE A 199 23.63 18.27 12.71
N LEU A 200 22.48 18.44 13.38
CA LEU A 200 21.29 18.91 12.67
C LEU A 200 21.48 20.31 12.12
N PHE A 201 22.18 21.17 12.85
CA PHE A 201 22.35 22.55 12.41
C PHE A 201 23.50 22.69 11.43
N GLU A 202 24.54 21.87 11.56
CA GLU A 202 25.59 21.84 10.55
C GLU A 202 25.01 21.52 9.18
N VAL A 203 24.19 20.46 9.10
CA VAL A 203 23.60 20.06 7.83
C VAL A 203 22.63 21.12 7.34
N MET A 204 21.86 21.72 8.25
CA MET A 204 20.94 22.78 7.84
C MET A 204 21.69 24.00 7.31
N ALA A 205 22.90 24.26 7.80
CA ALA A 205 23.63 25.42 7.32
C ALA A 205 24.29 25.14 5.97
N ARG A 206 24.94 23.99 5.85
CA ARG A 206 25.64 23.67 4.61
C ARG A 206 24.66 23.48 3.45
N HIS A 207 23.57 22.77 3.68
CA HIS A 207 22.59 22.48 2.64
C HIS A 207 21.32 23.31 2.84
N CYS A 208 21.49 24.55 3.28
CA CYS A 208 20.35 25.42 3.52
C CYS A 208 19.56 25.65 2.24
N CYS A 209 20.24 25.70 1.10
CA CYS A 209 19.55 25.92 -0.16
C CYS A 209 18.66 24.74 -0.54
N GLU A 210 19.24 23.54 -0.61
CA GLU A 210 18.47 22.36 -0.99
C GLU A 210 17.33 22.11 0.00
N ILE A 211 17.64 22.19 1.30
CA ILE A 211 16.64 21.89 2.31
C ILE A 211 15.56 22.97 2.34
N GLY A 212 15.98 24.24 2.35
CA GLY A 212 15.04 25.35 2.43
C GLY A 212 14.11 25.47 1.25
N GLN A 213 14.44 24.83 0.13
CA GLN A 213 13.57 24.86 -1.04
C GLN A 213 12.56 23.71 -1.06
N SER A 214 12.63 22.79 -0.12
CA SER A 214 11.74 21.63 -0.10
C SER A 214 10.56 21.86 0.83
N ARG A 215 9.42 21.26 0.47
CA ARG A 215 8.21 21.44 1.26
C ARG A 215 8.41 21.00 2.70
N PHE A 216 9.18 19.94 2.92
CA PHE A 216 9.35 19.40 4.25
C PHE A 216 10.59 19.94 4.95
N GLY A 217 11.69 20.09 4.23
CA GLY A 217 12.90 20.60 4.85
C GLY A 217 12.75 22.02 5.35
N ALA A 218 12.12 22.88 4.54
CA ALA A 218 11.91 24.26 4.97
C ALA A 218 11.05 24.34 6.22
N ARG A 219 9.98 23.56 6.25
CA ARG A 219 9.15 23.51 7.45
C ARG A 219 9.88 22.86 8.62
N ALA A 220 10.80 21.93 8.34
CA ALA A 220 11.59 21.34 9.41
C ALA A 220 12.61 22.34 9.96
N ILE A 221 13.23 23.13 9.07
CA ILE A 221 14.11 24.21 9.52
C ILE A 221 13.35 25.14 10.46
N ARG A 222 12.15 25.57 10.05
CA ARG A 222 11.35 26.46 10.88
C ARG A 222 11.04 25.81 12.23
N ALA A 223 10.81 24.50 12.24
CA ALA A 223 10.56 23.81 13.50
C ALA A 223 11.81 23.73 14.37
N CYS A 224 12.96 23.44 13.75
CA CYS A 224 14.21 23.36 14.50
C CYS A 224 14.58 24.70 15.12
N LEU A 225 14.39 25.80 14.37
CA LEU A 225 14.73 27.11 14.90
C LEU A 225 13.82 27.51 16.05
N GLU A 226 12.57 27.06 16.04
CA GLU A 226 11.63 27.34 17.10
C GLU A 226 11.71 26.33 18.24
N ASN A 227 12.55 25.32 18.12
CA ASN A 227 12.65 24.29 19.15
C ASN A 227 13.41 24.81 20.36
N GLU A 228 12.99 24.35 21.55
CA GLU A 228 13.56 24.84 22.80
C GLU A 228 15.00 24.38 23.02
N ASN A 229 15.49 23.41 22.24
CA ASN A 229 16.82 22.86 22.42
C ASN A 229 17.84 23.44 21.45
N ALA A 230 17.47 24.48 20.70
CA ALA A 230 18.38 25.13 19.77
C ALA A 230 19.03 26.33 20.46
N THR A 231 20.34 26.26 20.67
CA THR A 231 21.08 27.35 21.28
C THR A 231 21.08 28.56 20.35
N PHE A 232 21.40 29.73 20.92
CA PHE A 232 21.43 30.94 20.10
C PHE A 232 22.47 30.84 19.01
N GLU A 233 23.58 30.17 19.28
CA GLU A 233 24.60 29.97 18.25
C GLU A 233 24.06 29.11 17.11
N GLN A 234 23.32 28.05 17.45
CA GLN A 234 22.72 27.21 16.42
C GLN A 234 21.67 27.97 15.61
N GLN A 235 20.84 28.78 16.29
CA GLN A 235 19.89 29.63 15.58
C GLN A 235 20.60 30.61 14.67
N ALA A 236 21.60 31.32 15.20
CA ALA A 236 22.30 32.32 14.41
C ALA A 236 23.00 31.70 13.21
N LEU A 237 23.60 30.52 13.39
CA LEU A 237 24.27 29.84 12.28
C LEU A 237 23.30 29.57 11.13
N VAL A 238 22.13 29.02 11.46
CA VAL A 238 21.17 28.65 10.42
C VAL A 238 20.48 29.89 9.85
N VAL A 239 20.14 30.86 10.70
CA VAL A 239 19.45 32.05 10.21
C VAL A 239 20.37 32.87 9.31
N ALA A 240 21.65 32.99 9.68
CA ALA A 240 22.61 33.66 8.80
C ALA A 240 22.78 32.91 7.50
N SER A 241 22.70 31.58 7.54
CA SER A 241 22.75 30.81 6.31
C SER A 241 21.51 31.05 5.46
N ILE A 242 20.36 31.28 6.11
CA ILE A 242 19.15 31.63 5.37
C ILE A 242 19.32 32.98 4.67
N ILE A 243 20.00 33.92 5.32
CA ILE A 243 20.14 35.26 4.74
C ILE A 243 21.03 35.22 3.50
N ILE A 244 22.19 34.56 3.60
CA ILE A 244 23.08 34.45 2.45
C ILE A 244 22.57 33.50 1.37
N ASN A 245 21.44 32.85 1.59
CA ASN A 245 20.78 32.05 0.57
C ASN A 245 19.44 32.64 0.17
N SER A 246 19.18 33.88 0.56
CA SER A 246 17.86 34.48 0.36
C SER A 246 17.52 34.64 -1.11
N HIS A 247 18.52 34.91 -1.94
CA HIS A 247 18.26 35.05 -3.36
C HIS A 247 17.84 33.74 -4.01
N LEU A 248 18.19 32.62 -3.39
CA LEU A 248 17.77 31.30 -3.85
C LEU A 248 16.49 30.83 -3.19
N LEU A 249 16.34 31.12 -1.89
CA LEU A 249 15.11 30.75 -1.19
C LEU A 249 13.90 31.51 -1.73
N ALA A 250 14.11 32.76 -2.14
CA ALA A 250 13.00 33.61 -2.58
C ALA A 250 12.36 33.15 -3.89
N THR A 251 12.91 32.13 -4.55
CA THR A 251 12.41 31.72 -5.85
C THR A 251 11.34 30.63 -5.77
N ASN A 252 10.98 30.16 -4.58
CA ASN A 252 9.87 29.23 -4.45
C ASN A 252 9.17 29.47 -3.13
N SER A 253 7.98 28.90 -3.00
CA SER A 253 7.13 29.23 -1.85
C SER A 253 7.68 28.68 -0.55
N ASN A 254 8.43 27.58 -0.61
CA ASN A 254 8.96 26.98 0.62
C ASN A 254 10.09 27.82 1.19
N GLY A 255 11.04 28.24 0.35
CA GLY A 255 12.09 29.12 0.81
C GLY A 255 11.55 30.48 1.20
N MET A 256 10.53 30.96 0.50
CA MET A 256 9.92 32.24 0.86
C MET A 256 9.26 32.15 2.23
N LEU A 257 8.77 30.97 2.60
CA LEU A 257 8.23 30.77 3.95
C LEU A 257 9.29 31.02 5.01
N LEU A 258 10.54 30.59 4.74
CA LEU A 258 11.62 30.84 5.69
C LEU A 258 11.94 32.32 5.79
N LEU A 259 11.94 33.02 4.66
CA LEU A 259 12.24 34.45 4.67
C LEU A 259 11.12 35.25 5.33
N THR A 260 9.86 34.89 5.05
CA THR A 260 8.74 35.56 5.71
C THR A 260 8.75 35.28 7.21
N TRP A 261 9.17 34.08 7.60
CA TRP A 261 9.31 33.77 9.02
C TRP A 261 10.38 34.64 9.66
N LEU A 262 11.50 34.83 8.97
CA LEU A 262 12.59 35.64 9.51
C LEU A 262 12.16 37.09 9.70
N LEU A 263 11.42 37.65 8.74
CA LEU A 263 11.03 39.04 8.85
C LEU A 263 10.01 39.26 9.95
N ASP A 264 9.04 38.35 10.08
CA ASP A 264 8.02 38.43 11.12
C ASP A 264 8.49 37.85 12.46
N ASN A 265 9.79 37.56 12.58
CA ASN A 265 10.31 36.98 13.82
C ASN A 265 10.63 38.05 14.84
N SER A 266 11.20 39.18 14.40
CA SER A 266 11.45 40.36 15.24
C SER A 266 12.33 40.04 16.45
N PHE A 267 12.98 38.88 16.44
CA PHE A 267 13.96 38.53 17.46
C PHE A 267 15.40 38.76 17.01
N PHE A 268 15.66 38.63 15.72
CA PHE A 268 16.98 38.91 15.15
C PHE A 268 17.01 40.35 14.70
N ARG A 269 17.90 41.14 15.30
CA ARG A 269 17.98 42.56 14.97
C ARG A 269 18.64 42.76 13.59
N ASN A 270 18.22 43.82 12.91
CA ASN A 270 18.74 44.19 11.59
C ASN A 270 18.46 43.12 10.55
N ARG A 271 17.37 42.36 10.74
CA ARG A 271 17.00 41.34 9.75
C ARG A 271 16.67 41.98 8.41
N HIS A 272 15.84 43.03 8.43
CA HIS A 272 15.45 43.69 7.20
C HIS A 272 16.64 44.34 6.50
N ARG A 273 17.51 45.01 7.27
CA ARG A 273 18.68 45.64 6.69
C ARG A 273 19.64 44.59 6.12
N LEU A 274 19.98 43.57 6.94
CA LEU A 274 20.92 42.55 6.49
C LEU A 274 20.38 41.76 5.31
N LEU A 275 19.06 41.57 5.26
CA LEU A 275 18.46 40.85 4.13
C LEU A 275 18.57 41.64 2.84
N ALA A 276 18.34 42.95 2.92
CA ALA A 276 18.41 43.79 1.72
C ALA A 276 19.83 43.94 1.22
N ILE A 277 20.80 44.00 2.14
CA ILE A 277 22.21 44.13 1.74
C ILE A 277 22.63 42.95 0.87
N HIS A 278 22.25 41.75 1.27
CA HIS A 278 22.61 40.58 0.48
C HIS A 278 21.84 40.52 -0.84
N LEU A 279 20.55 40.84 -0.80
CA LEU A 279 19.71 40.76 -1.98
C LEU A 279 20.02 41.83 -3.02
N ALA A 280 20.78 42.87 -2.64
CA ALA A 280 21.09 43.93 -3.59
C ALA A 280 22.09 43.48 -4.65
N THR A 281 22.90 42.46 -4.35
CA THR A 281 23.87 41.94 -5.29
C THR A 281 23.32 40.78 -6.12
N HIS A 282 22.02 40.50 -6.01
CA HIS A 282 21.36 39.45 -6.77
C HIS A 282 20.05 39.96 -7.34
N LEU A 283 20.04 41.20 -7.82
CA LEU A 283 18.82 41.79 -8.34
C LEU A 283 18.45 41.26 -9.73
N HIS A 284 19.40 40.69 -10.47
CA HIS A 284 19.10 40.12 -11.77
C HIS A 284 18.03 39.03 -11.66
N THR A 285 18.25 38.07 -10.77
CA THR A 285 17.37 36.92 -10.70
C THR A 285 16.10 37.22 -9.92
N THR A 286 16.20 37.97 -8.83
CA THR A 286 15.04 38.22 -7.99
C THR A 286 14.00 39.08 -8.72
N CYS A 287 14.44 40.19 -9.33
CA CYS A 287 13.50 41.10 -9.97
C CYS A 287 12.94 40.55 -11.28
N THR A 288 13.48 39.45 -11.80
CA THR A 288 12.93 38.80 -12.99
C THR A 288 12.12 37.55 -12.65
N HIS A 289 12.10 37.15 -11.38
CA HIS A 289 11.33 35.99 -10.94
C HIS A 289 9.97 36.45 -10.42
N LYS A 290 8.96 35.60 -10.64
CA LYS A 290 7.59 35.97 -10.30
C LYS A 290 7.43 36.15 -8.79
N LEU A 291 7.94 35.21 -8.01
CA LEU A 291 7.76 35.26 -6.56
C LEU A 291 8.83 36.10 -5.86
N ALA A 292 10.08 36.02 -6.32
CA ALA A 292 11.16 36.74 -5.64
C ALA A 292 10.98 38.25 -5.75
N SER A 293 10.51 38.73 -6.90
CA SER A 293 10.29 40.16 -7.09
C SER A 293 9.25 40.70 -6.11
N THR A 294 8.29 39.86 -5.71
CA THR A 294 7.33 40.25 -4.69
C THR A 294 8.03 40.68 -3.41
N LEU A 295 9.04 39.92 -2.98
CA LEU A 295 9.75 40.26 -1.76
C LEU A 295 10.59 41.52 -1.93
N ILE A 296 11.34 41.61 -3.03
CA ILE A 296 12.15 42.80 -3.28
C ILE A 296 11.28 44.04 -3.29
N PHE A 297 10.08 43.93 -3.88
CA PHE A 297 9.14 45.05 -3.87
C PHE A 297 8.74 45.41 -2.44
N LYS A 298 8.48 44.39 -1.60
CA LYS A 298 8.13 44.66 -0.22
C LYS A 298 9.28 45.31 0.54
N LEU A 299 10.52 44.94 0.21
CA LEU A 299 11.67 45.50 0.91
C LEU A 299 11.87 46.98 0.62
N ILE A 300 11.40 47.45 -0.53
CA ILE A 300 11.52 48.87 -0.85
C ILE A 300 10.34 49.67 -0.31
N ASN A 301 9.13 49.14 -0.46
CA ASN A 301 7.93 49.85 -0.02
C ASN A 301 7.91 50.11 1.48
N ASN A 302 8.62 49.31 2.27
CA ASN A 302 8.68 49.51 3.71
C ASN A 302 9.32 50.86 4.03
N LYS A 303 8.50 51.82 4.47
CA LYS A 303 9.03 53.15 4.78
C LYS A 303 9.86 53.15 6.06
N GLN A 304 9.54 52.27 7.00
CA GLN A 304 10.25 52.23 8.28
C GLN A 304 11.67 51.68 8.15
N GLU A 305 12.04 51.12 6.99
CA GLU A 305 13.39 50.66 6.71
C GLU A 305 13.90 51.46 5.52
N PRO A 306 14.28 52.73 5.72
CA PRO A 306 14.65 53.58 4.59
C PRO A 306 16.04 53.26 4.06
N GLU A 307 16.96 52.91 4.96
CA GLU A 307 18.31 52.56 4.54
C GLU A 307 18.30 51.35 3.60
N SER A 308 17.32 50.46 3.75
CA SER A 308 17.27 49.26 2.90
C SER A 308 16.79 49.60 1.50
N ARG A 309 15.74 50.42 1.40
CA ARG A 309 15.21 50.78 0.09
C ARG A 309 16.18 51.65 -0.69
N ASN A 310 17.06 52.39 0.01
CA ASN A 310 18.06 53.20 -0.67
C ASN A 310 19.14 52.34 -1.29
N LEU A 311 19.60 51.32 -0.55
CA LEU A 311 20.60 50.41 -1.11
C LEU A 311 20.02 49.58 -2.24
N LEU A 312 18.75 49.20 -2.11
CA LEU A 312 18.12 48.40 -3.16
C LEU A 312 17.98 49.22 -4.45
N LEU A 313 17.58 50.49 -4.34
CA LEU A 313 17.34 51.29 -5.52
C LEU A 313 18.63 51.75 -6.19
N LYS A 314 19.68 52.03 -5.41
CA LYS A 314 20.95 52.42 -6.01
C LYS A 314 21.51 51.30 -6.88
N ASN A 315 21.50 50.07 -6.38
CA ASN A 315 21.97 48.95 -7.17
C ASN A 315 21.02 48.59 -8.30
N LEU A 316 19.75 48.98 -8.18
CA LEU A 316 18.77 48.64 -9.21
C LEU A 316 18.97 49.47 -10.48
N PHE A 317 19.11 50.79 -10.33
CA PHE A 317 19.13 51.69 -11.47
C PHE A 317 20.53 52.15 -11.86
N PHE A 318 21.42 52.34 -10.88
CA PHE A 318 22.76 52.84 -11.15
C PHE A 318 23.75 51.68 -11.03
N SER A 319 23.78 50.85 -12.07
CA SER A 319 24.71 49.72 -12.17
C SER A 319 25.68 49.95 -13.33
N GLU A 320 26.78 49.19 -13.29
CA GLU A 320 27.82 49.31 -14.31
C GLU A 320 27.26 49.04 -15.70
N LYS A 321 27.34 50.05 -16.57
CA LYS A 321 26.84 49.98 -17.95
C LYS A 321 25.39 49.51 -18.01
N ASP A 322 24.64 49.72 -16.92
CA ASP A 322 23.21 49.43 -16.83
C ASP A 322 22.89 47.95 -16.94
N ASN A 323 23.80 47.06 -16.52
CA ASN A 323 23.56 45.64 -16.79
C ASN A 323 22.48 45.07 -15.89
N VAL A 324 22.31 45.60 -14.68
CA VAL A 324 21.28 45.07 -13.78
C VAL A 324 19.91 45.43 -14.30
N LEU A 325 19.73 46.69 -14.69
CA LEU A 325 18.43 47.10 -15.24
C LEU A 325 18.22 46.48 -16.62
N THR A 326 19.29 46.34 -17.41
CA THR A 326 19.17 45.71 -18.73
C THR A 326 18.59 44.32 -18.61
N TYR A 327 19.13 43.51 -17.68
CA TYR A 327 18.66 42.14 -17.54
C TYR A 327 17.19 42.09 -17.16
N ILE A 328 16.77 42.98 -16.26
CA ILE A 328 15.38 42.97 -15.78
C ILE A 328 14.42 43.36 -16.90
N LEU A 329 14.72 44.45 -17.61
CA LEU A 329 13.87 44.92 -18.70
C LEU A 329 14.00 44.09 -19.96
N GLN A 330 15.00 43.20 -20.05
CA GLN A 330 15.05 42.24 -21.14
C GLN A 330 14.09 41.10 -20.89
N ASP A 331 13.81 40.80 -19.63
CA ASP A 331 12.82 39.80 -19.28
C ASP A 331 11.45 40.24 -19.77
N GLN A 332 10.60 39.26 -20.06
CA GLN A 332 9.27 39.55 -20.60
C GLN A 332 8.19 39.49 -19.52
N ALA A 333 8.12 38.39 -18.78
CA ALA A 333 6.92 38.11 -18.00
C ALA A 333 6.89 38.80 -16.64
N VAL A 334 8.03 39.28 -16.14
CA VAL A 334 8.09 39.80 -14.77
C VAL A 334 8.81 41.14 -14.71
N GLY A 335 9.94 41.23 -15.40
CA GLY A 335 10.80 42.40 -15.35
C GLY A 335 10.10 43.73 -15.50
N PRO A 336 9.60 44.03 -16.71
CA PRO A 336 9.01 45.36 -16.94
C PRO A 336 7.81 45.65 -16.04
N SER A 337 7.01 44.64 -15.72
CA SER A 337 5.90 44.85 -14.80
C SER A 337 6.39 45.27 -13.41
N PHE A 338 7.55 44.74 -12.99
CA PHE A 338 8.10 45.08 -11.69
C PHE A 338 8.58 46.53 -11.67
N ILE A 339 9.35 46.93 -12.68
CA ILE A 339 9.90 48.29 -12.71
C ILE A 339 8.78 49.32 -12.74
N HIS A 340 7.74 49.08 -13.55
CA HIS A 340 6.63 50.03 -13.61
C HIS A 340 5.92 50.12 -12.27
N LYS A 341 5.74 48.99 -11.58
CA LYS A 341 5.11 49.01 -10.27
C LYS A 341 5.96 49.75 -9.26
N VAL A 342 7.29 49.64 -9.37
CA VAL A 342 8.19 50.36 -8.48
C VAL A 342 8.08 51.87 -8.70
N ILE A 343 7.99 52.28 -9.97
CA ILE A 343 7.89 53.70 -10.28
C ILE A 343 6.58 54.28 -9.78
N THR A 344 5.47 53.65 -10.13
CA THR A 344 4.15 54.16 -9.79
C THR A 344 3.78 53.79 -8.35
N TYR A 345 4.60 54.28 -7.42
CA TYR A 345 4.35 54.10 -6.00
C TYR A 345 4.74 55.39 -5.27
N PRO A 346 3.78 56.06 -4.62
CA PRO A 346 4.09 57.36 -4.01
C PRO A 346 4.93 57.25 -2.75
N SER A 347 6.23 57.01 -2.91
CA SER A 347 7.14 56.90 -1.77
C SER A 347 8.58 57.15 -2.19
N ILE A 348 8.79 57.57 -3.44
CA ILE A 348 10.14 57.70 -4.00
C ILE A 348 10.62 59.14 -3.89
N GLY A 349 9.85 60.06 -4.44
CA GLY A 349 10.22 61.45 -4.55
C GLY A 349 10.07 61.89 -5.98
N ARG A 350 10.72 62.99 -6.32
CA ARG A 350 10.62 63.49 -7.68
C ARG A 350 11.99 63.77 -8.27
N GLU A 351 12.96 64.15 -7.42
CA GLU A 351 14.34 64.28 -7.89
C GLU A 351 14.89 62.91 -8.29
N PHE A 352 14.64 61.89 -7.48
CA PHE A 352 15.08 60.54 -7.83
C PHE A 352 14.23 59.95 -8.93
N LEU A 353 12.94 60.28 -8.97
CA LEU A 353 12.03 59.69 -9.94
C LEU A 353 12.45 60.03 -11.37
N ALA A 354 12.87 61.27 -11.60
CA ALA A 354 13.38 61.64 -12.93
C ALA A 354 14.70 60.96 -13.23
N GLN A 355 15.52 60.73 -12.20
CA GLN A 355 16.77 60.02 -12.41
C GLN A 355 16.52 58.58 -12.83
N PHE A 356 15.52 57.93 -12.23
CA PHE A 356 15.16 56.58 -12.64
C PHE A 356 14.58 56.57 -14.05
N HIS A 357 13.74 57.57 -14.36
CA HIS A 357 13.13 57.65 -15.68
C HIS A 357 14.20 57.73 -16.77
N LEU A 358 15.29 58.47 -16.52
CA LEU A 358 16.33 58.63 -17.53
C LEU A 358 16.96 57.29 -17.89
N VAL A 359 17.25 56.47 -16.87
CA VAL A 359 17.99 55.23 -17.11
C VAL A 359 17.11 54.20 -17.82
N ILE A 360 15.85 54.09 -17.40
CA ILE A 360 14.93 53.17 -18.06
C ILE A 360 14.74 53.56 -19.52
N LYS A 361 14.61 54.86 -19.80
CA LYS A 361 14.55 55.31 -21.19
C LYS A 361 15.82 54.91 -21.94
N ARG A 362 16.99 55.05 -21.32
CA ARG A 362 18.23 54.69 -21.98
C ARG A 362 18.33 53.19 -22.25
N VAL A 363 17.81 52.38 -21.32
CA VAL A 363 17.95 50.93 -21.45
C VAL A 363 17.05 50.42 -22.56
N LEU A 364 15.78 50.84 -22.56
CA LEU A 364 14.82 50.37 -23.55
C LEU A 364 15.23 50.78 -24.96
N ILE A 365 15.85 51.95 -25.10
CA ILE A 365 16.40 52.35 -26.40
C ILE A 365 17.56 51.46 -26.79
N ASN A 366 18.50 51.24 -25.87
CA ASN A 366 19.65 50.40 -26.16
C ASN A 366 19.29 48.91 -26.26
N ILE A 367 18.14 48.52 -25.70
CA ILE A 367 17.59 47.19 -25.94
C ILE A 367 16.96 47.12 -27.33
N HIS A 368 16.52 48.26 -27.86
CA HIS A 368 15.64 48.33 -29.05
C HIS A 368 14.31 47.64 -28.74
N ALA A 369 13.76 47.94 -27.57
CA ALA A 369 12.49 47.38 -27.13
C ALA A 369 11.33 48.04 -27.87
N GLN A 370 10.50 47.20 -28.51
CA GLN A 370 9.33 47.66 -29.25
C GLN A 370 8.22 48.06 -28.28
N PRO A 371 7.33 48.99 -28.69
CA PRO A 371 6.25 49.47 -27.81
C PRO A 371 5.01 48.59 -27.82
N ASN A 372 5.22 47.27 -27.73
CA ASN A 372 4.10 46.34 -27.69
C ASN A 372 3.52 46.24 -26.28
N ALA A 373 2.77 45.16 -26.01
CA ALA A 373 2.08 45.02 -24.73
C ALA A 373 3.04 45.02 -23.56
N VAL A 374 4.31 44.66 -23.78
CA VAL A 374 5.26 44.54 -22.69
C VAL A 374 5.77 45.92 -22.27
N TYR A 375 6.12 46.75 -23.26
CA TYR A 375 6.83 48.00 -23.01
C TYR A 375 5.98 49.24 -23.21
N CYS A 376 4.73 49.10 -23.65
CA CYS A 376 3.94 50.28 -23.97
C CYS A 376 3.74 51.15 -22.74
N ARG A 377 3.22 50.56 -21.66
CA ARG A 377 2.93 51.31 -20.45
C ARG A 377 4.17 52.02 -19.93
N LEU A 378 5.28 51.31 -19.84
CA LEU A 378 6.50 51.86 -19.26
C LEU A 378 7.13 52.92 -20.16
N MET A 379 7.04 52.73 -21.48
CA MET A 379 7.71 53.66 -22.41
C MET A 379 7.08 55.03 -22.34
N GLU A 380 5.75 55.10 -22.18
CA GLU A 380 5.09 56.38 -22.02
C GLU A 380 5.52 57.08 -20.74
N GLU A 381 5.90 56.32 -19.71
CA GLU A 381 6.24 56.90 -18.42
C GLU A 381 7.54 57.69 -18.45
N VAL A 382 8.34 57.55 -19.49
CA VAL A 382 9.67 58.14 -19.50
C VAL A 382 9.86 58.99 -20.75
N GLY A 383 8.81 59.13 -21.54
CA GLY A 383 8.90 59.81 -22.82
C GLY A 383 8.56 58.86 -23.96
N MET A 384 9.53 58.61 -24.84
CA MET A 384 9.39 57.59 -25.88
C MET A 384 8.16 57.79 -26.76
N THR A 385 6.98 57.40 -26.24
CA THR A 385 5.74 57.47 -26.98
C THR A 385 4.68 58.24 -26.19
N SER A 386 3.44 58.22 -26.66
CA SER A 386 2.36 58.91 -25.98
C SER A 386 1.01 58.20 -26.23
N SER B 1 -26.25 -28.12 10.65
CA SER B 1 -25.02 -27.54 10.15
C SER B 1 -25.29 -26.50 9.07
N GLU B 2 -24.23 -25.82 8.63
CA GLU B 2 -24.37 -24.97 7.45
C GLU B 2 -24.62 -25.82 6.21
N PHE B 3 -24.07 -27.04 6.19
CA PHE B 3 -24.32 -27.94 5.07
C PHE B 3 -25.80 -28.30 4.98
N GLU B 4 -26.40 -28.70 6.11
CA GLU B 4 -27.82 -29.06 6.11
C GLU B 4 -28.67 -27.93 5.56
N LEU B 5 -28.32 -26.68 5.86
CA LEU B 5 -29.17 -25.58 5.43
C LEU B 5 -29.05 -25.32 3.93
N ARG B 6 -27.82 -25.37 3.40
CA ARG B 6 -27.65 -25.19 1.96
C ARG B 6 -28.07 -26.42 1.17
N ARG B 7 -27.93 -27.62 1.76
CA ARG B 7 -28.43 -28.82 1.11
C ARG B 7 -29.94 -28.77 0.94
N GLN B 8 -30.64 -28.19 1.92
CA GLN B 8 -32.09 -28.05 1.81
C GLN B 8 -32.48 -27.05 0.74
N ALA B 9 -31.66 -26.01 0.54
CA ALA B 9 -31.94 -24.98 -0.46
C ALA B 9 -31.35 -25.31 -1.83
N CYS B 10 -30.71 -26.47 -1.99
CA CYS B 10 -30.14 -26.87 -3.27
C CYS B 10 -30.85 -28.05 -3.90
N GLY B 11 -31.51 -28.87 -3.12
CA GLY B 11 -32.14 -30.05 -3.67
C GLY B 11 -31.12 -31.15 -3.88
N ARG B 12 -31.58 -32.19 -4.57
CA ARG B 12 -30.69 -33.30 -4.91
C ARG B 12 -29.55 -32.81 -5.79
N SER B 13 -28.43 -33.52 -5.72
CA SER B 13 -27.23 -33.11 -6.43
C SER B 13 -27.44 -33.17 -7.94
N GLN B 14 -27.12 -32.07 -8.61
CA GLN B 14 -27.17 -32.05 -10.07
C GLN B 14 -26.22 -33.06 -10.69
N LEU B 15 -25.20 -33.51 -9.95
CA LEU B 15 -24.33 -34.58 -10.43
C LEU B 15 -25.06 -35.92 -10.45
N LEU B 16 -25.98 -36.14 -9.51
CA LEU B 16 -26.77 -37.37 -9.53
C LEU B 16 -27.75 -37.37 -10.71
N LYS B 17 -28.46 -36.26 -10.90
CA LYS B 17 -29.46 -36.18 -11.95
C LYS B 17 -28.81 -36.27 -13.34
N SER B 18 -27.92 -35.34 -13.63
CA SER B 18 -27.41 -35.14 -14.98
C SER B 18 -26.00 -35.71 -15.12
N ARG B 19 -25.86 -36.99 -14.79
CA ARG B 19 -24.61 -37.69 -15.03
C ARG B 19 -24.29 -37.73 -16.52
N VAL B 20 -25.32 -37.89 -17.36
CA VAL B 20 -25.08 -37.92 -18.80
C VAL B 20 -24.93 -36.52 -19.37
N ASP B 21 -25.61 -35.53 -18.80
CA ASP B 21 -25.43 -34.15 -19.26
C ASP B 21 -24.03 -33.66 -18.95
N ILE B 22 -23.54 -33.94 -17.73
CA ILE B 22 -22.20 -33.53 -17.33
C ILE B 22 -21.15 -34.15 -18.25
N LEU B 23 -21.32 -35.44 -18.56
CA LEU B 23 -20.39 -36.10 -19.47
C LEU B 23 -20.38 -35.43 -20.84
N GLU B 24 -21.55 -34.95 -21.28
CA GLU B 24 -21.63 -34.27 -22.58
C GLU B 24 -20.94 -32.91 -22.53
N VAL B 25 -21.23 -32.12 -21.49
CA VAL B 25 -20.57 -30.83 -21.34
C VAL B 25 -19.06 -30.98 -21.33
N ALA B 26 -18.55 -31.95 -20.55
CA ALA B 26 -17.11 -32.22 -20.53
C ALA B 26 -16.61 -32.61 -21.91
N ARG B 27 -17.38 -33.43 -22.64
CA ARG B 27 -17.04 -33.72 -24.03
C ARG B 27 -17.15 -32.46 -24.88
N GLN B 28 -18.25 -31.73 -24.76
CA GLN B 28 -18.51 -30.53 -25.57
C GLN B 28 -17.54 -29.38 -25.29
N PHE B 29 -16.62 -29.52 -24.33
CA PHE B 29 -15.59 -28.51 -24.13
C PHE B 29 -14.62 -28.44 -25.30
N GLU B 30 -14.60 -29.48 -26.14
CA GLU B 30 -13.64 -29.58 -27.24
C GLU B 30 -12.22 -29.41 -26.74
N MET B 31 -11.93 -30.02 -25.59
CA MET B 31 -10.59 -30.01 -25.02
C MET B 31 -10.03 -31.42 -24.87
N ARG B 32 -10.68 -32.41 -25.48
CA ARG B 32 -10.16 -33.78 -25.54
C ARG B 32 -10.06 -34.38 -24.14
N ILE B 33 -11.10 -34.19 -23.34
CA ILE B 33 -11.15 -34.71 -21.98
C ILE B 33 -11.54 -36.18 -22.01
N ASN B 34 -10.71 -37.01 -21.38
CA ASN B 34 -11.00 -38.44 -21.30
C ASN B 34 -12.27 -38.67 -20.50
N LEU B 35 -13.30 -39.23 -21.15
CA LEU B 35 -14.59 -39.40 -20.49
C LEU B 35 -14.61 -40.56 -19.50
N ASP B 36 -13.82 -41.61 -19.73
CA ASP B 36 -13.76 -42.70 -18.77
C ASP B 36 -13.23 -42.24 -17.42
N ILE B 37 -12.24 -41.35 -17.43
CA ILE B 37 -11.74 -40.79 -16.18
C ILE B 37 -12.82 -39.96 -15.50
N VAL B 38 -13.53 -39.14 -16.27
CA VAL B 38 -14.56 -38.28 -15.70
C VAL B 38 -15.71 -39.12 -15.15
N ASP B 39 -16.14 -40.12 -15.90
CA ASP B 39 -17.27 -40.92 -15.45
C ASP B 39 -16.93 -41.73 -14.20
N SER B 40 -15.73 -42.30 -14.15
CA SER B 40 -15.33 -43.05 -12.96
C SER B 40 -15.30 -42.16 -11.73
N MET B 41 -15.00 -40.88 -11.91
CA MET B 41 -15.06 -39.95 -10.78
C MET B 41 -16.50 -39.70 -10.36
N ILE B 42 -17.39 -39.50 -11.34
CA ILE B 42 -18.82 -39.42 -11.02
C ILE B 42 -19.29 -40.72 -10.39
N ALA B 43 -18.72 -41.86 -10.82
CA ALA B 43 -19.05 -43.13 -10.18
C ALA B 43 -18.61 -43.14 -8.72
N SER B 44 -17.34 -42.82 -8.47
CA SER B 44 -16.85 -42.80 -7.10
C SER B 44 -17.52 -41.70 -6.29
N ALA B 45 -17.93 -40.61 -6.95
CA ALA B 45 -18.68 -39.57 -6.25
C ALA B 45 -20.02 -40.10 -5.76
N ILE B 46 -20.68 -40.92 -6.56
CA ILE B 46 -21.94 -41.53 -6.14
C ILE B 46 -21.69 -42.71 -5.22
N GLU B 47 -20.60 -43.45 -5.43
CA GLU B 47 -20.28 -44.59 -4.56
C GLU B 47 -20.04 -44.13 -3.13
N ASN B 48 -19.07 -43.24 -2.93
CA ASN B 48 -18.75 -42.71 -1.61
C ASN B 48 -19.88 -41.81 -1.14
N ASN B 49 -20.80 -42.38 -0.37
CA ASN B 49 -21.95 -41.65 0.15
C ASN B 49 -21.74 -41.16 1.59
N LYS B 50 -20.66 -41.55 2.24
CA LYS B 50 -20.39 -41.13 3.61
C LYS B 50 -20.21 -39.62 3.68
N VAL B 51 -21.24 -38.91 4.13
CA VAL B 51 -21.19 -37.46 4.31
C VAL B 51 -21.51 -37.14 5.76
N ALA B 52 -20.65 -36.37 6.41
CA ALA B 52 -20.76 -36.13 7.83
C ALA B 52 -21.71 -34.99 8.12
N THR B 53 -22.47 -35.14 9.21
CA THR B 53 -23.34 -34.06 9.67
C THR B 53 -22.52 -32.93 10.28
N GLU B 54 -21.73 -33.23 11.30
CA GLU B 54 -20.86 -32.28 11.96
C GLU B 54 -19.44 -32.84 11.98
N ILE B 55 -18.52 -32.07 12.55
CA ILE B 55 -17.15 -32.52 12.78
C ILE B 55 -17.00 -32.80 14.26
N LEU B 56 -16.57 -34.05 14.60
CA LEU B 56 -16.55 -34.46 16.02
C LEU B 56 -15.14 -34.45 16.57
N PRO B 57 -14.89 -33.77 17.71
CA PRO B 57 -13.58 -33.72 18.36
C PRO B 57 -13.21 -35.04 19.04
N PHE B 67 2.41 -34.02 30.90
CA PHE B 67 2.81 -33.23 29.74
C PHE B 67 2.34 -31.79 29.87
N GLU B 68 2.80 -31.11 30.91
CA GLU B 68 2.45 -29.72 31.15
C GLU B 68 3.24 -28.80 30.23
N ALA B 69 2.99 -27.50 30.34
CA ALA B 69 3.58 -26.52 29.44
C ALA B 69 5.11 -26.55 29.50
N SER B 70 5.67 -26.68 30.69
CA SER B 70 7.12 -26.66 30.82
C SER B 70 7.77 -27.83 30.09
N LYS B 71 7.17 -29.03 30.20
CA LYS B 71 7.80 -30.21 29.64
C LYS B 71 7.78 -30.18 28.12
N LEU B 72 6.67 -29.73 27.52
CA LEU B 72 6.58 -29.62 26.07
C LEU B 72 7.58 -28.60 25.52
N ARG B 73 7.71 -27.45 26.19
CA ARG B 73 8.64 -26.43 25.73
C ARG B 73 10.06 -26.95 25.65
N GLU B 74 10.48 -27.73 26.66
CA GLU B 74 11.81 -28.30 26.63
C GLU B 74 11.99 -29.27 25.47
N ILE B 75 10.95 -30.05 25.16
CA ILE B 75 11.01 -30.95 24.02
C ILE B 75 11.20 -30.16 22.74
N ARG B 76 10.40 -29.11 22.57
CA ARG B 76 10.53 -28.27 21.38
C ARG B 76 11.86 -27.52 21.40
N LYS B 77 12.30 -27.09 22.58
CA LYS B 77 13.58 -26.41 22.69
C LYS B 77 14.73 -27.31 22.28
N ASN B 78 14.72 -28.57 22.75
CA ASN B 78 15.82 -29.48 22.44
C ASN B 78 15.77 -29.97 21.00
N ILE B 79 14.58 -30.02 20.41
CA ILE B 79 14.50 -30.40 19.00
C ILE B 79 15.04 -29.28 18.12
N ASP B 80 14.66 -28.04 18.42
CA ASP B 80 15.17 -26.90 17.65
C ASP B 80 16.66 -26.69 17.89
N SER B 81 17.20 -27.14 19.01
CA SER B 81 18.61 -26.99 19.32
C SER B 81 19.48 -28.08 18.72
N GLY B 82 18.90 -29.01 17.97
CA GLY B 82 19.65 -30.17 17.51
C GLY B 82 20.18 -31.08 18.61
N PHE B 83 19.77 -30.87 19.86
CA PHE B 83 20.25 -31.66 20.99
C PHE B 83 19.76 -33.10 20.95
N TYR B 84 18.88 -33.45 20.02
CA TYR B 84 18.29 -34.77 19.95
C TYR B 84 18.74 -35.50 18.69
N THR B 85 18.92 -36.81 18.80
CA THR B 85 19.02 -37.68 17.64
C THR B 85 17.62 -37.94 17.08
N GLN B 86 17.59 -38.34 15.81
CA GLN B 86 16.31 -38.74 15.22
C GLN B 86 15.71 -39.92 15.98
N GLU B 87 16.56 -40.86 16.41
CA GLU B 87 16.07 -42.00 17.19
C GLU B 87 15.60 -41.57 18.57
N GLU B 88 16.25 -40.55 19.15
CA GLU B 88 15.81 -40.04 20.45
C GLU B 88 14.46 -39.35 20.33
N ILE B 89 14.23 -38.62 19.23
CA ILE B 89 12.92 -38.03 18.99
C ILE B 89 11.87 -39.13 18.82
N GLU B 90 12.24 -40.21 18.12
CA GLU B 90 11.26 -41.25 17.85
C GLU B 90 10.86 -41.99 19.11
N VAL B 91 11.78 -42.13 20.09
CA VAL B 91 11.43 -42.75 21.36
C VAL B 91 10.44 -41.87 22.12
N ILE B 92 10.66 -40.56 22.11
CA ILE B 92 9.72 -39.63 22.73
C ILE B 92 8.36 -39.73 22.04
N ALA B 93 8.35 -39.70 20.71
CA ALA B 93 7.10 -39.73 19.97
C ALA B 93 6.30 -40.99 20.26
N ARG B 94 6.95 -42.15 20.13
CA ARG B 94 6.27 -43.41 20.38
C ARG B 94 5.75 -43.52 21.81
N SER B 95 6.35 -42.78 22.74
CA SER B 95 5.87 -42.77 24.11
C SER B 95 4.71 -41.82 24.34
N MET B 96 4.30 -41.07 23.31
CA MET B 96 3.21 -40.11 23.42
C MET B 96 2.10 -40.38 22.42
N LEU B 97 2.04 -41.61 21.89
CA LEU B 97 0.98 -41.96 20.95
C LEU B 97 -0.41 -41.84 21.56
N ASP B 98 -0.55 -42.23 22.83
CA ASP B 98 -1.83 -42.11 23.51
C ASP B 98 -2.28 -40.67 23.69
N ASP B 99 -1.39 -39.70 23.53
CA ASP B 99 -1.73 -38.30 23.72
C ASP B 99 -1.59 -37.46 22.45
N VAL B 100 -1.00 -38.00 21.38
CA VAL B 100 -0.61 -37.17 20.25
C VAL B 100 -1.82 -36.57 19.54
N ALA B 101 -2.99 -37.21 19.64
CA ALA B 101 -4.19 -36.61 19.04
C ALA B 101 -4.68 -35.41 19.84
N GLU B 102 -4.74 -35.54 21.17
CA GLU B 102 -5.12 -34.41 22.01
C GLU B 102 -4.14 -33.26 21.87
N LEU B 103 -2.84 -33.57 21.75
CA LEU B 103 -1.83 -32.53 21.67
C LEU B 103 -1.92 -31.74 20.37
N SER B 104 -2.40 -32.38 19.29
CA SER B 104 -2.43 -31.70 17.99
C SER B 104 -3.22 -30.40 18.04
N SER B 105 -4.18 -30.29 18.94
CA SER B 105 -4.97 -29.08 19.11
C SER B 105 -4.48 -28.19 20.24
N ASP B 106 -3.45 -28.60 20.96
CA ASP B 106 -2.96 -27.82 22.09
C ASP B 106 -2.12 -26.65 21.59
N TYR B 107 -2.21 -25.52 22.30
CA TYR B 107 -1.49 -24.33 21.85
C TYR B 107 0.02 -24.54 21.83
N LEU B 108 0.52 -25.39 22.73
CA LEU B 108 1.91 -25.85 22.69
C LEU B 108 2.07 -27.20 22.01
N GLY B 109 1.17 -28.15 22.27
CA GLY B 109 1.32 -29.48 21.71
C GLY B 109 1.39 -29.46 20.19
N ASN B 110 0.58 -28.59 19.56
CA ASN B 110 0.54 -28.53 18.11
C ASN B 110 1.91 -28.22 17.52
N THR B 111 2.71 -27.38 18.19
CA THR B 111 4.05 -27.12 17.69
C THR B 111 4.95 -28.34 17.86
N VAL B 112 4.71 -29.13 18.91
CA VAL B 112 5.50 -30.33 19.14
C VAL B 112 5.12 -31.43 18.15
N VAL B 113 3.82 -31.67 17.96
CA VAL B 113 3.39 -32.68 17.00
C VAL B 113 3.91 -32.33 15.61
N GLN B 114 3.91 -31.04 15.27
CA GLN B 114 4.53 -30.61 14.02
C GLN B 114 5.97 -31.07 13.93
N LYS B 115 6.80 -30.70 14.91
CA LYS B 115 8.20 -31.12 14.92
C LYS B 115 8.33 -32.64 14.85
N PHE B 116 7.39 -33.38 15.48
CA PHE B 116 7.41 -34.83 15.41
C PHE B 116 7.30 -35.33 13.98
N PHE B 117 6.43 -34.70 13.18
CA PHE B 117 6.27 -35.12 11.79
C PHE B 117 7.38 -34.60 10.88
N GLU B 118 8.03 -33.51 11.25
CA GLU B 118 9.11 -33.00 10.41
C GLU B 118 10.36 -33.88 10.51
N TYR B 119 10.56 -34.56 11.65
CA TYR B 119 11.84 -35.23 11.93
C TYR B 119 11.75 -36.74 12.11
N CYS B 120 10.59 -37.29 12.44
CA CYS B 120 10.51 -38.73 12.60
C CYS B 120 10.51 -39.43 11.25
N SER B 121 10.94 -40.69 11.26
CA SER B 121 10.90 -41.49 10.05
C SER B 121 9.47 -41.91 9.76
N ASP B 122 9.26 -42.38 8.53
CA ASP B 122 7.91 -42.70 8.06
C ASP B 122 7.16 -43.70 8.93
N PRO B 123 7.77 -44.79 9.44
CA PRO B 123 6.97 -45.72 10.26
C PRO B 123 6.43 -45.09 11.53
N ILE B 124 7.15 -44.13 12.10
CA ILE B 124 6.65 -43.45 13.30
C ILE B 124 5.63 -42.39 12.93
N LYS B 125 5.84 -41.71 11.80
CA LYS B 125 4.80 -40.82 11.26
C LYS B 125 3.52 -41.59 10.99
N GLU B 126 3.63 -42.80 10.45
CA GLU B 126 2.45 -43.61 10.23
C GLU B 126 1.81 -44.06 11.53
N ALA B 127 2.62 -44.30 12.57
CA ALA B 127 2.06 -44.65 13.87
C ALA B 127 1.34 -43.46 14.48
N MET B 128 1.93 -42.26 14.42
CA MET B 128 1.25 -41.07 14.90
C MET B 128 -0.02 -40.81 14.12
N LEU B 129 0.04 -40.91 12.78
CA LEU B 129 -1.11 -40.60 11.94
C LEU B 129 -2.25 -41.58 12.17
N GLU B 130 -1.93 -42.84 12.48
CA GLU B 130 -2.98 -43.82 12.74
C GLU B 130 -3.80 -43.45 13.96
N ARG B 131 -3.22 -42.73 14.92
CA ARG B 131 -3.94 -42.25 16.09
C ARG B 131 -4.58 -40.88 15.87
N ILE B 132 -4.11 -40.12 14.89
CA ILE B 132 -4.59 -38.76 14.65
C ILE B 132 -5.67 -38.72 13.59
N ALA B 133 -5.57 -39.57 12.56
CA ALA B 133 -6.48 -39.54 11.42
C ALA B 133 -7.96 -39.37 11.78
N PRO B 134 -8.54 -40.18 12.67
CA PRO B 134 -9.97 -39.99 12.99
C PRO B 134 -10.30 -38.62 13.55
N TYR B 135 -9.30 -37.82 13.92
CA TYR B 135 -9.54 -36.46 14.40
C TYR B 135 -8.96 -35.39 13.50
N LEU B 136 -8.38 -35.76 12.36
CA LEU B 136 -7.68 -34.80 11.52
C LEU B 136 -8.61 -33.66 11.08
N ALA B 137 -9.84 -33.99 10.67
CA ALA B 137 -10.78 -32.94 10.29
C ALA B 137 -11.09 -32.02 11.46
N ALA B 138 -11.28 -32.58 12.66
CA ALA B 138 -11.54 -31.76 13.83
C ALA B 138 -10.32 -30.90 14.16
N ILE B 139 -9.13 -31.48 14.10
CA ILE B 139 -7.91 -30.70 14.30
C ILE B 139 -7.78 -29.67 13.19
N GLY B 140 -8.19 -30.02 11.97
CA GLY B 140 -8.05 -29.14 10.84
C GLY B 140 -8.79 -27.82 10.97
N ILE B 141 -9.97 -27.84 11.63
CA ILE B 141 -10.72 -26.61 11.85
C ILE B 141 -10.33 -25.90 13.14
N HIS B 142 -9.39 -26.44 13.91
CA HIS B 142 -9.00 -25.80 15.17
C HIS B 142 -7.96 -24.71 14.93
N LYS B 143 -8.19 -23.57 15.58
CA LYS B 143 -7.29 -22.41 15.44
C LYS B 143 -5.83 -22.80 15.63
N ASN B 144 -5.52 -23.55 16.68
CA ASN B 144 -4.17 -24.06 16.87
C ASN B 144 -3.94 -25.33 16.05
N GLY B 145 -4.88 -26.28 16.13
CA GLY B 145 -4.67 -27.57 15.52
C GLY B 145 -4.47 -27.52 14.01
N THR B 146 -5.03 -26.51 13.35
CA THR B 146 -4.93 -26.45 11.90
C THR B 146 -3.48 -26.38 11.43
N TRP B 147 -2.60 -25.76 12.22
CA TRP B 147 -1.18 -25.72 11.87
C TRP B 147 -0.59 -27.12 11.87
N ALA B 148 -1.01 -27.96 12.82
CA ALA B 148 -0.52 -29.33 12.87
C ALA B 148 -1.14 -30.18 11.76
N ALA B 149 -2.42 -29.98 11.48
CA ALA B 149 -3.09 -30.82 10.49
C ALA B 149 -2.55 -30.54 9.09
N GLN B 150 -2.31 -29.26 8.78
CA GLN B 150 -1.74 -28.95 7.47
C GLN B 150 -0.30 -29.44 7.37
N LYS B 151 0.46 -29.34 8.47
CA LYS B 151 1.83 -29.87 8.48
C LYS B 151 1.84 -31.37 8.28
N ILE B 152 0.91 -32.07 8.92
CA ILE B 152 0.83 -33.53 8.78
C ILE B 152 0.59 -33.90 7.32
N ILE B 153 -0.37 -33.22 6.69
CA ILE B 153 -0.70 -33.52 5.30
C ILE B 153 0.44 -33.10 4.38
N ASP B 154 1.07 -31.96 4.67
CA ASP B 154 2.11 -31.44 3.79
C ASP B 154 3.33 -32.36 3.75
N VAL B 155 3.60 -33.08 4.84
CA VAL B 155 4.74 -34.01 4.88
C VAL B 155 4.31 -35.46 4.70
N ALA B 156 3.07 -35.69 4.26
CA ALA B 156 2.63 -37.06 3.98
C ALA B 156 3.43 -37.57 2.79
N SER B 157 4.34 -38.50 3.06
CA SER B 157 5.30 -38.95 2.05
C SER B 157 5.00 -40.31 1.47
N THR B 158 4.41 -41.21 2.25
CA THR B 158 4.17 -42.56 1.79
C THR B 158 2.73 -42.73 1.32
N GLU B 159 2.47 -43.86 0.66
CA GLU B 159 1.12 -44.19 0.24
C GLU B 159 0.23 -44.51 1.42
N LYS B 160 0.79 -45.18 2.45
CA LYS B 160 0.00 -45.51 3.63
C LYS B 160 -0.47 -44.26 4.36
N GLN B 161 0.33 -43.18 4.33
CA GLN B 161 -0.04 -41.94 5.01
C GLN B 161 -1.16 -41.23 4.26
N MET B 162 -1.01 -41.07 2.95
CA MET B 162 -2.05 -40.39 2.18
C MET B 162 -3.39 -41.11 2.27
N ASP B 163 -3.39 -42.44 2.12
CA ASP B 163 -4.64 -43.18 2.20
C ASP B 163 -5.32 -42.96 3.55
N LEU B 164 -4.53 -42.95 4.62
CA LEU B 164 -5.09 -42.72 5.95
C LEU B 164 -5.73 -41.34 6.04
N ILE B 165 -5.08 -40.33 5.47
CA ILE B 165 -5.63 -38.99 5.48
C ILE B 165 -6.89 -38.92 4.63
N VAL B 166 -6.83 -39.48 3.41
CA VAL B 166 -8.00 -39.47 2.52
C VAL B 166 -9.16 -40.22 3.16
N LYS B 167 -8.88 -41.34 3.83
CA LYS B 167 -9.95 -42.19 4.36
C LYS B 167 -10.71 -41.49 5.47
N HIS B 168 -10.01 -40.76 6.33
CA HIS B 168 -10.60 -40.15 7.49
C HIS B 168 -10.95 -38.68 7.29
N LEU B 169 -10.67 -38.13 6.10
CA LEU B 169 -11.10 -36.78 5.77
C LEU B 169 -12.30 -36.76 4.84
N ARG B 170 -12.46 -37.81 4.03
CA ARG B 170 -13.50 -37.81 3.00
C ARG B 170 -14.88 -37.51 3.55
N PRO B 171 -15.36 -38.14 4.63
CA PRO B 171 -16.70 -37.80 5.13
C PRO B 171 -16.84 -36.33 5.51
N TYR B 172 -15.74 -35.65 5.82
CA TYR B 172 -15.81 -34.28 6.29
C TYR B 172 -15.36 -33.28 5.24
N THR B 173 -15.13 -33.72 3.99
CA THR B 173 -14.57 -32.82 2.99
C THR B 173 -15.48 -31.62 2.74
N ALA B 174 -16.79 -31.83 2.67
CA ALA B 174 -17.70 -30.71 2.50
C ALA B 174 -17.62 -29.74 3.67
N LEU B 175 -17.70 -30.28 4.89
CA LEU B 175 -17.65 -29.42 6.07
C LEU B 175 -16.34 -28.65 6.18
N LEU B 176 -15.25 -29.22 5.65
CA LEU B 176 -13.98 -28.49 5.65
C LEU B 176 -14.02 -27.29 4.72
N TYR B 177 -14.63 -27.44 3.53
CA TYR B 177 -14.71 -26.31 2.60
C TYR B 177 -15.46 -25.13 3.22
N PHE B 178 -16.39 -25.41 4.13
CA PHE B 178 -17.17 -24.36 4.79
C PHE B 178 -16.37 -23.61 5.86
N ASP B 179 -15.22 -24.13 6.27
CA ASP B 179 -14.52 -23.62 7.45
C ASP B 179 -13.38 -22.67 7.06
N GLN B 180 -13.18 -21.63 7.89
CA GLN B 180 -12.11 -20.67 7.63
C GLN B 180 -10.74 -21.33 7.57
N PHE B 181 -10.50 -22.37 8.37
CA PHE B 181 -9.22 -23.08 8.31
C PHE B 181 -9.32 -24.41 7.57
N GLY B 182 -10.45 -25.10 7.69
CA GLY B 182 -10.57 -26.42 7.08
C GLY B 182 -10.43 -26.41 5.57
N ASN B 183 -10.89 -25.34 4.91
CA ASN B 183 -10.77 -25.30 3.45
C ASN B 183 -9.31 -25.27 3.02
N TYR B 184 -8.44 -24.67 3.84
CA TYR B 184 -7.01 -24.76 3.56
C TYR B 184 -6.48 -26.15 3.85
N VAL B 185 -7.03 -26.82 4.87
CA VAL B 185 -6.64 -28.21 5.12
C VAL B 185 -7.03 -29.08 3.93
N ALA B 186 -8.23 -28.88 3.40
CA ALA B 186 -8.64 -29.61 2.20
C ALA B 186 -7.66 -29.39 1.05
N GLN B 187 -7.29 -28.12 0.81
CA GLN B 187 -6.38 -27.84 -0.29
C GLN B 187 -5.02 -28.52 -0.10
N CYS B 188 -4.59 -28.68 1.15
CA CYS B 188 -3.32 -29.39 1.37
C CYS B 188 -3.33 -30.77 0.75
N CYS B 189 -4.51 -31.37 0.57
CA CYS B 189 -4.58 -32.70 -0.01
C CYS B 189 -4.36 -32.70 -1.51
N LEU B 190 -4.30 -31.53 -2.15
CA LEU B 190 -4.03 -31.49 -3.58
C LEU B 190 -2.64 -32.03 -3.89
N ARG B 191 -1.72 -31.94 -2.92
CA ARG B 191 -0.38 -32.49 -3.06
C ARG B 191 -0.40 -33.96 -3.48
N PHE B 192 -1.41 -34.71 -3.04
CA PHE B 192 -1.41 -36.16 -3.23
C PHE B 192 -1.41 -36.56 -4.69
N LYS B 193 -1.83 -35.65 -5.57
CA LYS B 193 -1.92 -35.88 -7.02
C LYS B 193 -2.97 -36.92 -7.37
N TYR B 194 -3.30 -37.02 -8.65
CA TYR B 194 -4.19 -38.08 -9.10
C TYR B 194 -3.53 -39.43 -8.91
N PRO B 195 -4.25 -40.45 -8.41
CA PRO B 195 -5.69 -40.44 -8.13
C PRO B 195 -6.07 -40.15 -6.68
N LYS B 196 -5.11 -39.85 -5.82
CA LYS B 196 -5.43 -39.75 -4.41
C LYS B 196 -6.18 -38.47 -4.07
N ASN B 197 -5.88 -37.37 -4.76
CA ASN B 197 -6.58 -36.12 -4.51
C ASN B 197 -7.95 -36.05 -5.17
N THR B 198 -8.38 -37.12 -5.84
CA THR B 198 -9.65 -37.09 -6.56
C THR B 198 -10.82 -36.82 -5.63
N PHE B 199 -10.77 -37.32 -4.39
CA PHE B 199 -11.89 -37.12 -3.48
C PHE B 199 -12.24 -35.65 -3.32
N LEU B 200 -11.24 -34.75 -3.43
CA LEU B 200 -11.52 -33.32 -3.33
C LEU B 200 -12.45 -32.87 -4.46
N PHE B 201 -12.24 -33.37 -5.67
CA PHE B 201 -13.03 -32.94 -6.81
C PHE B 201 -14.36 -33.66 -6.89
N GLU B 202 -14.44 -34.90 -6.39
CA GLU B 202 -15.73 -35.57 -6.28
C GLU B 202 -16.66 -34.76 -5.39
N VAL B 203 -16.16 -34.33 -4.22
CA VAL B 203 -16.97 -33.57 -3.28
C VAL B 203 -17.33 -32.21 -3.87
N MET B 204 -16.38 -31.56 -4.54
CA MET B 204 -16.66 -30.26 -5.15
C MET B 204 -17.69 -30.39 -6.26
N ALA B 205 -17.65 -31.48 -7.03
CA ALA B 205 -18.62 -31.62 -8.11
C ALA B 205 -20.00 -31.96 -7.56
N ARG B 206 -20.08 -32.91 -6.63
CA ARG B 206 -21.37 -33.35 -6.11
C ARG B 206 -22.07 -32.23 -5.33
N HIS B 207 -21.32 -31.50 -4.51
CA HIS B 207 -21.89 -30.43 -3.70
C HIS B 207 -21.45 -29.06 -4.19
N CYS B 208 -21.33 -28.92 -5.51
CA CYS B 208 -20.98 -27.63 -6.11
C CYS B 208 -22.00 -26.56 -5.75
N CYS B 209 -23.27 -26.94 -5.61
CA CYS B 209 -24.29 -25.97 -5.21
C CYS B 209 -24.05 -25.46 -3.79
N GLU B 210 -23.88 -26.38 -2.84
CA GLU B 210 -23.76 -25.96 -1.45
C GLU B 210 -22.40 -25.31 -1.17
N ILE B 211 -21.32 -25.92 -1.65
CA ILE B 211 -20.00 -25.37 -1.40
C ILE B 211 -19.82 -24.04 -2.13
N GLY B 212 -20.35 -23.94 -3.35
CA GLY B 212 -20.20 -22.73 -4.14
C GLY B 212 -20.89 -21.52 -3.54
N GLN B 213 -21.86 -21.73 -2.67
CA GLN B 213 -22.58 -20.62 -2.07
C GLN B 213 -21.99 -20.15 -0.74
N SER B 214 -20.89 -20.77 -0.29
CA SER B 214 -20.24 -20.40 0.96
C SER B 214 -19.09 -19.44 0.69
N ARG B 215 -18.81 -18.59 1.68
CA ARG B 215 -17.76 -17.58 1.50
C ARG B 215 -16.40 -18.24 1.30
N PHE B 216 -16.15 -19.35 1.99
CA PHE B 216 -14.85 -20.00 1.93
C PHE B 216 -14.80 -21.09 0.86
N GLY B 217 -15.84 -21.92 0.77
CA GLY B 217 -15.82 -23.01 -0.19
C GLY B 217 -15.67 -22.54 -1.62
N ALA B 218 -16.39 -21.47 -1.98
CA ALA B 218 -16.27 -20.94 -3.33
C ALA B 218 -14.85 -20.47 -3.61
N ARG B 219 -14.23 -19.77 -2.67
CA ARG B 219 -12.84 -19.37 -2.84
C ARG B 219 -11.90 -20.56 -2.83
N ALA B 220 -12.22 -21.60 -2.05
CA ALA B 220 -11.39 -22.80 -2.07
C ALA B 220 -11.57 -23.59 -3.37
N ILE B 221 -12.77 -23.55 -3.97
CA ILE B 221 -12.97 -24.16 -5.28
C ILE B 221 -12.11 -23.47 -6.33
N ARG B 222 -12.15 -22.13 -6.36
CA ARG B 222 -11.28 -21.39 -7.26
C ARG B 222 -9.84 -21.82 -7.10
N ALA B 223 -9.38 -21.94 -5.84
CA ALA B 223 -7.99 -22.31 -5.58
C ALA B 223 -7.68 -23.72 -6.07
N CYS B 224 -8.58 -24.66 -5.80
CA CYS B 224 -8.40 -26.04 -6.27
C CYS B 224 -8.33 -26.10 -7.80
N LEU B 225 -9.19 -25.34 -8.49
CA LEU B 225 -9.22 -25.42 -9.94
C LEU B 225 -7.97 -24.79 -10.56
N GLU B 226 -7.41 -23.78 -9.90
CA GLU B 226 -6.18 -23.15 -10.36
C GLU B 226 -4.93 -23.90 -9.90
N ASN B 227 -5.08 -25.00 -9.17
CA ASN B 227 -3.93 -25.69 -8.61
C ASN B 227 -3.24 -26.55 -9.66
N GLU B 228 -1.91 -26.57 -9.62
CA GLU B 228 -1.15 -27.29 -10.62
C GLU B 228 -1.30 -28.81 -10.53
N ASN B 229 -1.89 -29.32 -9.46
CA ASN B 229 -2.05 -30.77 -9.31
C ASN B 229 -3.43 -31.25 -9.72
N ALA B 230 -4.28 -30.37 -10.24
CA ALA B 230 -5.59 -30.77 -10.72
C ALA B 230 -5.47 -31.15 -12.19
N THR B 231 -5.90 -32.36 -12.52
CA THR B 231 -5.85 -32.79 -13.92
C THR B 231 -6.98 -32.13 -14.70
N PHE B 232 -6.82 -32.10 -16.03
CA PHE B 232 -7.87 -31.53 -16.87
C PHE B 232 -9.23 -32.14 -16.53
N GLU B 233 -9.27 -33.47 -16.39
CA GLU B 233 -10.52 -34.15 -16.08
C GLU B 233 -11.12 -33.67 -14.77
N GLN B 234 -10.29 -33.53 -13.73
CA GLN B 234 -10.76 -32.98 -12.47
C GLN B 234 -11.29 -31.57 -12.65
N GLN B 235 -10.54 -30.72 -13.37
CA GLN B 235 -11.03 -29.40 -13.68
C GLN B 235 -12.34 -29.48 -14.45
N ALA B 236 -12.37 -30.30 -15.51
CA ALA B 236 -13.55 -30.39 -16.36
C ALA B 236 -14.76 -30.87 -15.58
N LEU B 237 -14.57 -31.79 -14.64
CA LEU B 237 -15.68 -32.29 -13.85
C LEU B 237 -16.30 -31.20 -13.00
N VAL B 238 -15.45 -30.42 -12.32
CA VAL B 238 -15.97 -29.39 -11.43
C VAL B 238 -16.52 -28.21 -12.21
N VAL B 239 -15.87 -27.85 -13.32
CA VAL B 239 -16.33 -26.73 -14.13
C VAL B 239 -17.67 -27.05 -14.79
N ALA B 240 -17.79 -28.27 -15.32
CA ALA B 240 -19.08 -28.70 -15.86
C ALA B 240 -20.15 -28.69 -14.78
N SER B 241 -19.79 -29.08 -13.56
CA SER B 241 -20.75 -28.99 -12.47
C SER B 241 -21.10 -27.54 -12.17
N ILE B 242 -20.11 -26.64 -12.28
CA ILE B 242 -20.38 -25.21 -12.09
C ILE B 242 -21.37 -24.72 -13.13
N ILE B 243 -21.24 -25.22 -14.36
CA ILE B 243 -22.08 -24.75 -15.46
C ILE B 243 -23.53 -25.19 -15.26
N ILE B 244 -23.73 -26.48 -15.01
CA ILE B 244 -25.09 -26.98 -14.78
C ILE B 244 -25.68 -26.54 -13.46
N ASN B 245 -24.92 -25.84 -12.61
CA ASN B 245 -25.46 -25.21 -11.42
C ASN B 245 -25.48 -23.69 -11.53
N SER B 246 -25.16 -23.15 -12.70
CA SER B 246 -24.98 -21.70 -12.83
C SER B 246 -26.27 -20.94 -12.55
N HIS B 247 -27.42 -21.55 -12.81
CA HIS B 247 -28.69 -20.90 -12.51
C HIS B 247 -28.93 -20.77 -11.03
N LEU B 248 -28.28 -21.62 -10.21
CA LEU B 248 -28.35 -21.51 -8.77
C LEU B 248 -27.22 -20.66 -8.20
N LEU B 249 -26.01 -20.82 -8.75
CA LEU B 249 -24.87 -20.07 -8.23
C LEU B 249 -25.02 -18.58 -8.49
N ALA B 250 -25.65 -18.20 -9.60
CA ALA B 250 -25.79 -16.79 -9.95
C ALA B 250 -26.66 -16.02 -8.97
N THR B 251 -27.40 -16.70 -8.10
CA THR B 251 -28.33 -16.04 -7.20
C THR B 251 -27.69 -15.48 -5.94
N ASN B 252 -26.42 -15.78 -5.66
CA ASN B 252 -25.73 -15.18 -4.52
C ASN B 252 -24.31 -14.81 -4.93
N SER B 253 -23.72 -13.90 -4.14
CA SER B 253 -22.46 -13.28 -4.52
C SER B 253 -21.31 -14.29 -4.57
N ASN B 254 -21.32 -15.29 -3.70
CA ASN B 254 -20.24 -16.29 -3.70
C ASN B 254 -20.31 -17.16 -4.94
N GLY B 255 -21.49 -17.72 -5.23
CA GLY B 255 -21.66 -18.44 -6.48
C GLY B 255 -21.30 -17.61 -7.69
N MET B 256 -21.70 -16.33 -7.68
CA MET B 256 -21.36 -15.45 -8.80
C MET B 256 -19.84 -15.32 -8.94
N LEU B 257 -19.11 -15.37 -7.83
CA LEU B 257 -17.66 -15.29 -7.90
C LEU B 257 -17.09 -16.43 -8.74
N LEU B 258 -17.61 -17.65 -8.53
CA LEU B 258 -17.17 -18.79 -9.32
C LEU B 258 -17.48 -18.57 -10.80
N LEU B 259 -18.70 -18.10 -11.11
CA LEU B 259 -19.09 -17.87 -12.50
C LEU B 259 -18.26 -16.76 -13.14
N THR B 260 -18.04 -15.67 -12.38
CA THR B 260 -17.11 -14.64 -12.85
C THR B 260 -15.74 -15.22 -13.11
N TRP B 261 -15.23 -16.05 -12.20
CA TRP B 261 -13.95 -16.71 -12.43
C TRP B 261 -13.99 -17.58 -13.67
N LEU B 262 -15.10 -18.27 -13.90
CA LEU B 262 -15.21 -19.16 -15.04
C LEU B 262 -15.16 -18.39 -16.35
N LEU B 263 -15.87 -17.26 -16.43
CA LEU B 263 -15.89 -16.49 -17.67
C LEU B 263 -14.53 -15.86 -17.96
N ASP B 264 -13.92 -15.23 -16.95
CA ASP B 264 -12.71 -14.43 -17.16
C ASP B 264 -11.44 -15.28 -17.02
N ASN B 265 -11.14 -15.69 -15.78
CA ASN B 265 -9.89 -16.39 -15.48
C ASN B 265 -10.08 -17.88 -15.71
N SER B 266 -10.20 -18.23 -16.99
CA SER B 266 -10.30 -19.64 -17.36
C SER B 266 -9.94 -19.81 -18.82
N PHE B 267 -9.34 -20.95 -19.13
CA PHE B 267 -8.89 -21.30 -20.47
C PHE B 267 -9.79 -22.32 -21.14
N PHE B 268 -10.99 -22.53 -20.60
CA PHE B 268 -11.89 -23.56 -21.10
C PHE B 268 -12.59 -23.07 -22.36
N ARG B 269 -12.37 -23.76 -23.47
CA ARG B 269 -13.00 -23.39 -24.72
C ARG B 269 -14.51 -23.62 -24.63
N ASN B 270 -15.27 -22.75 -25.29
CA ASN B 270 -16.74 -22.80 -25.36
C ASN B 270 -17.40 -22.62 -24.01
N ARG B 271 -16.67 -22.11 -23.01
CA ARG B 271 -17.27 -21.90 -21.69
C ARG B 271 -18.40 -20.88 -21.78
N HIS B 272 -18.18 -19.80 -22.53
CA HIS B 272 -19.21 -18.78 -22.66
C HIS B 272 -20.45 -19.35 -23.37
N ARG B 273 -20.24 -20.06 -24.47
CA ARG B 273 -21.35 -20.65 -25.21
C ARG B 273 -22.10 -21.68 -24.37
N LEU B 274 -21.35 -22.61 -23.74
CA LEU B 274 -22.01 -23.66 -22.97
C LEU B 274 -22.72 -23.09 -21.75
N LEU B 275 -22.16 -22.06 -21.13
CA LEU B 275 -22.83 -21.41 -20.02
C LEU B 275 -24.12 -20.75 -20.48
N ALA B 276 -24.09 -20.05 -21.62
CA ALA B 276 -25.30 -19.41 -22.14
C ALA B 276 -26.35 -20.45 -22.49
N ILE B 277 -25.95 -21.53 -23.16
CA ILE B 277 -26.91 -22.56 -23.54
C ILE B 277 -27.67 -23.08 -22.32
N HIS B 278 -26.95 -23.36 -21.25
CA HIS B 278 -27.62 -23.88 -20.06
C HIS B 278 -28.52 -22.83 -19.42
N LEU B 279 -28.03 -21.59 -19.30
CA LEU B 279 -28.80 -20.54 -18.66
C LEU B 279 -30.00 -20.11 -19.49
N ALA B 280 -30.10 -20.53 -20.75
CA ALA B 280 -31.22 -20.14 -21.59
C ALA B 280 -32.54 -20.77 -21.13
N THR B 281 -32.47 -21.93 -20.48
CA THR B 281 -33.65 -22.58 -19.94
C THR B 281 -34.05 -22.04 -18.56
N HIS B 282 -33.32 -21.06 -18.03
CA HIS B 282 -33.62 -20.45 -16.74
C HIS B 282 -33.65 -18.93 -16.86
N LEU B 283 -34.14 -18.42 -17.99
CA LEU B 283 -34.10 -16.97 -18.19
C LEU B 283 -35.12 -16.24 -17.33
N HIS B 284 -36.24 -16.89 -17.00
CA HIS B 284 -37.28 -16.22 -16.20
C HIS B 284 -36.78 -15.90 -14.80
N THR B 285 -36.06 -16.84 -14.17
CA THR B 285 -35.60 -16.60 -12.81
C THR B 285 -34.32 -15.77 -12.78
N THR B 286 -33.40 -16.01 -13.73
CA THR B 286 -32.13 -15.30 -13.73
C THR B 286 -32.32 -13.83 -14.07
N CYS B 287 -33.13 -13.54 -15.09
CA CYS B 287 -33.32 -12.17 -15.51
C CYS B 287 -34.27 -11.40 -14.60
N THR B 288 -34.90 -12.06 -13.63
CA THR B 288 -35.69 -11.37 -12.62
C THR B 288 -34.94 -11.24 -11.30
N HIS B 289 -33.75 -11.82 -11.18
CA HIS B 289 -32.93 -11.72 -9.98
C HIS B 289 -31.92 -10.58 -10.12
N LYS B 290 -31.71 -9.86 -9.02
CA LYS B 290 -30.86 -8.67 -9.06
C LYS B 290 -29.45 -9.00 -9.52
N LEU B 291 -28.85 -10.06 -8.97
CA LEU B 291 -27.47 -10.36 -9.30
C LEU B 291 -27.35 -11.25 -10.53
N ALA B 292 -28.27 -12.21 -10.69
CA ALA B 292 -28.17 -13.13 -11.82
C ALA B 292 -28.38 -12.40 -13.15
N SER B 293 -29.25 -11.39 -13.18
CA SER B 293 -29.49 -10.66 -14.44
C SER B 293 -28.22 -9.99 -14.93
N THR B 294 -27.34 -9.57 -14.02
CA THR B 294 -26.08 -8.96 -14.44
C THR B 294 -25.24 -9.93 -15.24
N LEU B 295 -25.27 -11.21 -14.88
CA LEU B 295 -24.51 -12.22 -15.62
C LEU B 295 -25.16 -12.50 -16.97
N ILE B 296 -26.48 -12.62 -17.00
CA ILE B 296 -27.18 -12.85 -18.25
C ILE B 296 -26.90 -11.73 -19.24
N PHE B 297 -26.76 -10.50 -18.75
CA PHE B 297 -26.41 -9.39 -19.65
C PHE B 297 -24.98 -9.51 -20.13
N LYS B 298 -24.06 -9.94 -19.26
CA LYS B 298 -22.67 -10.11 -19.67
C LYS B 298 -22.55 -11.15 -20.77
N LEU B 299 -23.47 -12.11 -20.83
CA LEU B 299 -23.41 -13.15 -21.85
C LEU B 299 -23.97 -12.66 -23.18
N ILE B 300 -24.89 -11.71 -23.16
CA ILE B 300 -25.43 -11.15 -24.39
C ILE B 300 -24.58 -10.00 -24.92
N ASN B 301 -24.20 -9.08 -24.03
CA ASN B 301 -23.42 -7.91 -24.44
C ASN B 301 -22.08 -8.28 -25.05
N ASN B 302 -21.56 -9.48 -24.75
CA ASN B 302 -20.28 -9.91 -25.31
C ASN B 302 -20.42 -10.10 -26.81
N LYS B 303 -19.78 -9.21 -27.57
CA LYS B 303 -19.91 -9.22 -29.03
C LYS B 303 -19.13 -10.37 -29.66
N GLN B 304 -18.06 -10.83 -29.02
CA GLN B 304 -17.24 -11.90 -29.58
C GLN B 304 -17.87 -13.28 -29.44
N GLU B 305 -18.99 -13.40 -28.74
CA GLU B 305 -19.70 -14.68 -28.56
C GLU B 305 -21.07 -14.54 -29.22
N PRO B 306 -21.15 -14.65 -30.54
CA PRO B 306 -22.43 -14.40 -31.21
C PRO B 306 -23.42 -15.53 -31.00
N GLU B 307 -22.96 -16.79 -31.04
CA GLU B 307 -23.87 -17.91 -30.85
C GLU B 307 -24.56 -17.84 -29.50
N SER B 308 -23.85 -17.36 -28.48
CA SER B 308 -24.47 -17.15 -27.18
C SER B 308 -25.54 -16.07 -27.25
N ARG B 309 -25.17 -14.90 -27.75
CA ARG B 309 -26.13 -13.79 -27.83
C ARG B 309 -27.35 -14.16 -28.68
N ASN B 310 -27.14 -14.95 -29.75
CA ASN B 310 -28.26 -15.34 -30.61
C ASN B 310 -29.21 -16.29 -29.89
N LEU B 311 -28.69 -17.35 -29.28
CA LEU B 311 -29.55 -18.29 -28.57
C LEU B 311 -30.20 -17.63 -27.36
N LEU B 312 -29.49 -16.74 -26.68
CA LEU B 312 -30.08 -16.03 -25.55
C LEU B 312 -31.18 -15.09 -25.98
N LEU B 313 -31.07 -14.50 -27.18
CA LEU B 313 -32.11 -13.59 -27.63
C LEU B 313 -33.35 -14.32 -28.14
N LYS B 314 -33.17 -15.49 -28.78
CA LYS B 314 -34.33 -16.28 -29.21
C LYS B 314 -35.17 -16.70 -28.03
N ASN B 315 -34.54 -17.31 -27.02
CA ASN B 315 -35.25 -17.74 -25.82
C ASN B 315 -35.79 -16.57 -25.01
N LEU B 316 -35.32 -15.35 -25.27
CA LEU B 316 -35.72 -14.19 -24.49
C LEU B 316 -36.99 -13.54 -25.03
N PHE B 317 -37.04 -13.28 -26.35
CA PHE B 317 -38.15 -12.55 -26.95
C PHE B 317 -39.10 -13.45 -27.75
N PHE B 318 -38.57 -14.42 -28.49
CA PHE B 318 -39.37 -15.23 -29.40
C PHE B 318 -39.61 -16.59 -28.75
N SER B 319 -40.49 -16.61 -27.75
CA SER B 319 -40.68 -17.77 -26.89
C SER B 319 -41.87 -18.59 -27.36
N GLU B 320 -42.21 -19.61 -26.55
CA GLU B 320 -43.33 -20.50 -26.87
C GLU B 320 -44.63 -19.72 -27.05
N LYS B 321 -44.91 -18.80 -26.12
CA LYS B 321 -46.08 -17.94 -26.24
C LYS B 321 -45.85 -16.61 -25.56
N ASP B 322 -44.60 -16.13 -25.57
CA ASP B 322 -44.15 -14.95 -24.84
C ASP B 322 -44.20 -15.12 -23.33
N ASN B 323 -44.27 -16.37 -22.86
CA ASN B 323 -44.33 -16.61 -21.42
C ASN B 323 -43.02 -16.24 -20.74
N VAL B 324 -41.89 -16.48 -21.42
CA VAL B 324 -40.60 -16.10 -20.86
C VAL B 324 -40.52 -14.58 -20.70
N LEU B 325 -40.86 -13.85 -21.76
CA LEU B 325 -40.80 -12.40 -21.69
C LEU B 325 -41.87 -11.85 -20.76
N THR B 326 -43.02 -12.50 -20.68
CA THR B 326 -44.10 -12.03 -19.81
C THR B 326 -43.67 -12.10 -18.35
N TYR B 327 -43.11 -13.23 -17.93
CA TYR B 327 -42.64 -13.39 -16.55
C TYR B 327 -41.64 -12.31 -16.17
N ILE B 328 -40.69 -12.01 -17.06
CA ILE B 328 -39.67 -11.03 -16.74
C ILE B 328 -40.29 -9.66 -16.54
N LEU B 329 -41.11 -9.23 -17.50
CA LEU B 329 -41.66 -7.88 -17.45
C LEU B 329 -42.74 -7.73 -16.39
N GLN B 330 -43.31 -8.83 -15.90
CA GLN B 330 -44.25 -8.72 -14.78
C GLN B 330 -43.55 -8.52 -13.45
N ASP B 331 -42.26 -8.83 -13.36
CA ASP B 331 -41.49 -8.51 -12.16
C ASP B 331 -41.39 -7.00 -11.99
N GLN B 332 -41.21 -6.57 -10.74
CA GLN B 332 -41.16 -5.14 -10.43
C GLN B 332 -39.73 -4.60 -10.38
N ALA B 333 -38.89 -5.16 -9.52
CA ALA B 333 -37.63 -4.53 -9.14
C ALA B 333 -36.46 -4.80 -10.09
N VAL B 334 -36.58 -5.77 -10.99
CA VAL B 334 -35.43 -6.19 -11.79
C VAL B 334 -35.82 -6.34 -13.26
N GLY B 335 -36.97 -6.95 -13.49
CA GLY B 335 -37.39 -7.37 -14.82
C GLY B 335 -37.31 -6.32 -15.89
N PRO B 336 -38.20 -5.32 -15.84
CA PRO B 336 -38.26 -4.33 -16.94
C PRO B 336 -36.96 -3.56 -17.12
N SER B 337 -36.26 -3.23 -16.02
CA SER B 337 -34.96 -2.58 -16.15
C SER B 337 -34.00 -3.43 -16.98
N PHE B 338 -34.05 -4.74 -16.79
CA PHE B 338 -33.17 -5.64 -17.55
C PHE B 338 -33.48 -5.61 -19.04
N ILE B 339 -34.76 -5.77 -19.40
CA ILE B 339 -35.12 -5.82 -20.82
C ILE B 339 -34.83 -4.48 -21.50
N HIS B 340 -35.08 -3.37 -20.80
CA HIS B 340 -34.80 -2.06 -21.37
C HIS B 340 -33.32 -1.88 -21.65
N LYS B 341 -32.47 -2.31 -20.71
CA LYS B 341 -31.03 -2.24 -20.93
C LYS B 341 -30.62 -3.06 -22.15
N VAL B 342 -30.86 -4.38 -22.09
CA VAL B 342 -30.50 -5.36 -23.12
C VAL B 342 -30.63 -4.79 -24.53
N ILE B 343 -31.68 -4.02 -24.77
CA ILE B 343 -31.95 -3.48 -26.10
C ILE B 343 -31.24 -2.15 -26.37
N THR B 344 -30.94 -1.38 -25.32
CA THR B 344 -30.37 -0.05 -25.50
C THR B 344 -28.85 -0.09 -25.28
N TYR B 345 -28.19 -0.78 -26.20
CA TYR B 345 -26.72 -0.77 -26.27
C TYR B 345 -26.22 -0.76 -27.72
N GLY B 349 -28.88 -2.76 -32.98
CA GLY B 349 -29.29 -2.56 -34.36
C GLY B 349 -30.40 -1.53 -34.50
N ARG B 350 -31.03 -1.45 -35.68
CA ARG B 350 -32.13 -0.53 -35.92
C ARG B 350 -33.33 -1.28 -36.52
N GLU B 351 -33.08 -2.11 -37.52
CA GLU B 351 -34.11 -3.01 -38.05
C GLU B 351 -34.45 -4.10 -37.03
N PHE B 352 -33.41 -4.71 -36.46
CA PHE B 352 -33.60 -5.70 -35.41
C PHE B 352 -34.22 -5.08 -34.15
N LEU B 353 -33.88 -3.82 -33.86
CA LEU B 353 -34.38 -3.18 -32.65
C LEU B 353 -35.90 -3.02 -32.69
N ALA B 354 -36.46 -2.73 -33.86
CA ALA B 354 -37.91 -2.58 -33.96
C ALA B 354 -38.61 -3.92 -33.85
N GLN B 355 -37.94 -5.01 -34.24
CA GLN B 355 -38.54 -6.33 -34.07
C GLN B 355 -38.70 -6.69 -32.60
N PHE B 356 -37.71 -6.35 -31.77
CA PHE B 356 -37.86 -6.50 -30.33
C PHE B 356 -38.86 -5.50 -29.77
N HIS B 357 -38.89 -4.29 -30.33
CA HIS B 357 -39.87 -3.29 -29.91
C HIS B 357 -41.29 -3.84 -30.04
N LEU B 358 -41.53 -4.65 -31.08
CA LEU B 358 -42.87 -5.17 -31.33
C LEU B 358 -43.29 -6.12 -30.22
N VAL B 359 -42.40 -7.01 -29.80
CA VAL B 359 -42.74 -8.03 -28.82
C VAL B 359 -42.95 -7.42 -27.44
N ILE B 360 -42.13 -6.43 -27.06
CA ILE B 360 -42.27 -5.79 -25.76
C ILE B 360 -43.63 -5.12 -25.63
N LYS B 361 -44.09 -4.47 -26.72
CA LYS B 361 -45.34 -3.72 -26.63
C LYS B 361 -46.53 -4.66 -26.39
N ARG B 362 -46.49 -5.85 -26.98
CA ARG B 362 -47.59 -6.79 -26.79
C ARG B 362 -47.70 -7.22 -25.32
N VAL B 363 -46.57 -7.52 -24.69
CA VAL B 363 -46.57 -8.02 -23.32
C VAL B 363 -47.01 -6.92 -22.35
N LEU B 364 -46.52 -5.70 -22.53
CA LEU B 364 -46.93 -4.60 -21.65
C LEU B 364 -48.43 -4.34 -21.71
N ILE B 365 -49.06 -4.58 -22.87
CA ILE B 365 -50.50 -4.42 -22.97
C ILE B 365 -51.21 -5.50 -22.17
N ASN B 366 -50.82 -6.76 -22.38
CA ASN B 366 -51.41 -7.87 -21.63
C ASN B 366 -51.06 -7.84 -20.15
N ILE B 367 -49.98 -7.17 -19.77
CA ILE B 367 -49.65 -7.03 -18.35
C ILE B 367 -50.61 -6.05 -17.69
N HIS B 368 -51.18 -5.12 -18.46
CA HIS B 368 -51.88 -3.95 -17.93
C HIS B 368 -50.88 -3.06 -17.17
N ALA B 369 -49.70 -2.86 -17.77
CA ALA B 369 -48.61 -2.17 -17.10
C ALA B 369 -48.88 -0.68 -17.04
N GLN B 370 -48.81 -0.10 -15.83
CA GLN B 370 -48.95 1.34 -15.63
C GLN B 370 -47.62 2.04 -15.89
N PRO B 371 -47.67 3.30 -16.33
CA PRO B 371 -46.44 4.02 -16.68
C PRO B 371 -45.79 4.76 -15.51
N ASN B 372 -45.68 4.08 -14.37
CA ASN B 372 -45.04 4.70 -13.20
C ASN B 372 -43.53 4.51 -13.27
N ALA B 373 -42.84 4.66 -12.13
CA ALA B 373 -41.37 4.68 -12.14
C ALA B 373 -40.78 3.39 -12.69
N VAL B 374 -41.55 2.30 -12.73
CA VAL B 374 -41.02 1.04 -13.22
C VAL B 374 -40.94 1.02 -14.74
N TYR B 375 -41.95 1.56 -15.42
CA TYR B 375 -42.10 1.41 -16.86
C TYR B 375 -41.90 2.72 -17.61
N CYS B 376 -41.31 3.74 -16.99
CA CYS B 376 -41.12 5.03 -17.66
C CYS B 376 -40.20 4.88 -18.86
N ARG B 377 -38.99 4.35 -18.65
CA ARG B 377 -38.00 4.31 -19.72
C ARG B 377 -38.40 3.34 -20.83
N LEU B 378 -38.92 2.15 -20.44
CA LEU B 378 -39.19 1.12 -21.43
C LEU B 378 -40.34 1.51 -22.35
N MET B 379 -41.41 2.08 -21.80
CA MET B 379 -42.53 2.51 -22.62
C MET B 379 -42.12 3.59 -23.62
N GLU B 380 -41.17 4.44 -23.25
CA GLU B 380 -40.68 5.46 -24.19
C GLU B 380 -39.86 4.83 -25.30
N GLU B 381 -39.13 3.74 -25.00
CA GLU B 381 -38.23 3.16 -25.98
C GLU B 381 -38.96 2.38 -27.08
N VAL B 382 -40.22 2.03 -26.87
CA VAL B 382 -40.95 1.22 -27.84
C VAL B 382 -42.22 1.93 -28.33
#